data_3TA1
#
_entry.id   3TA1
#
_cell.length_a   123.310
_cell.length_b   92.000
_cell.length_c   88.380
_cell.angle_alpha   90.00
_cell.angle_beta   133.59
_cell.angle_gamma   90.00
#
_symmetry.space_group_name_H-M   'C 1 2 1'
#
loop_
_entity.id
_entity.type
_entity.pdbx_description
1 polymer 'Nitrogen regulatory protein P-II (GlnB-3)'
2 non-polymer "ADENOSINE-5'-DIPHOSPHATE"
3 water water
#
_entity_poly.entity_id   1
_entity_poly.type   'polypeptide(L)'
_entity_poly.pdbx_seq_one_letter_code
;MKMVVAVIRPEKLECVKKALEERGFVGMTVTEVKGRGEQKGIRLQFRGREVEVDLLQKTKVEVVVSDDAVDEVVEAIVSS
ARTGKFGDGRIFVIPVEKSVKIRTGDEEVAAAHHHHHH
;
_entity_poly.pdbx_strand_id   A,B,C,D,E,F
#
loop_
_chem_comp.id
_chem_comp.type
_chem_comp.name
_chem_comp.formula
ADP non-polymer ADENOSINE-5'-DIPHOSPHATE 'C10 H15 N5 O10 P2'
#
# COMPACT_ATOMS: atom_id res chain seq x y z
N MET A 1 -8.10 -31.65 -12.38
CA MET A 1 -6.84 -31.41 -11.66
C MET A 1 -7.10 -31.57 -10.15
N LYS A 2 -6.02 -31.77 -9.40
CA LYS A 2 -6.10 -31.87 -7.95
C LYS A 2 -5.01 -31.10 -7.31
N MET A 3 -5.26 -30.61 -6.09
CA MET A 3 -4.20 -30.00 -5.28
C MET A 3 -3.81 -31.04 -4.23
N VAL A 4 -2.57 -31.48 -4.25
CA VAL A 4 -2.00 -32.40 -3.27
C VAL A 4 -1.39 -31.47 -2.20
N VAL A 5 -1.93 -31.57 -0.97
CA VAL A 5 -1.52 -30.75 0.17
C VAL A 5 -0.80 -31.64 1.17
N ALA A 6 0.52 -31.47 1.30
CA ALA A 6 1.27 -32.25 2.26
C ALA A 6 1.65 -31.40 3.47
N VAL A 7 1.47 -31.93 4.67
CA VAL A 7 1.90 -31.23 5.90
C VAL A 7 2.97 -32.15 6.47
N ILE A 8 4.23 -31.69 6.44
CA ILE A 8 5.38 -32.53 6.78
C ILE A 8 6.27 -31.93 7.85
N ARG A 9 7.28 -32.70 8.32
CA ARG A 9 8.30 -32.20 9.24
C ARG A 9 9.14 -31.19 8.45
N PRO A 10 9.49 -30.03 9.02
CA PRO A 10 10.25 -29.03 8.25
C PRO A 10 11.58 -29.52 7.66
N GLU A 11 12.28 -30.41 8.38
CA GLU A 11 13.58 -30.95 7.88
C GLU A 11 13.45 -31.85 6.63
N LYS A 12 12.20 -32.25 6.29
CA LYS A 12 11.91 -33.11 5.14
C LYS A 12 11.63 -32.33 3.86
N LEU A 13 11.52 -30.99 3.94
CA LEU A 13 11.24 -30.14 2.76
C LEU A 13 12.21 -30.41 1.60
N GLU A 14 13.53 -30.45 1.88
CA GLU A 14 14.51 -30.70 0.82
C GLU A 14 14.35 -32.04 0.17
N CYS A 15 14.07 -33.09 0.95
CA CYS A 15 13.83 -34.44 0.46
C CYS A 15 12.63 -34.47 -0.45
N VAL A 16 11.53 -33.81 0.02
CA VAL A 16 10.28 -33.78 -0.76
C VAL A 16 10.48 -33.03 -2.07
N LYS A 17 11.12 -31.85 -2.02
CA LYS A 17 11.41 -31.07 -3.24
C LYS A 17 12.21 -31.88 -4.24
N LYS A 18 13.23 -32.63 -3.76
CA LYS A 18 14.08 -33.47 -4.61
C LYS A 18 13.29 -34.60 -5.25
N ALA A 19 12.50 -35.34 -4.44
CA ALA A 19 11.67 -36.44 -4.93
C ALA A 19 10.67 -35.98 -5.99
N LEU A 20 10.11 -34.76 -5.82
CA LEU A 20 9.14 -34.21 -6.79
C LEU A 20 9.84 -33.76 -8.07
N GLU A 21 10.95 -33.00 -7.95
CA GLU A 21 11.74 -32.52 -9.11
C GLU A 21 12.17 -33.66 -10.01
N GLU A 22 12.70 -34.77 -9.43
CA GLU A 22 13.18 -35.92 -10.20
C GLU A 22 12.10 -36.65 -11.02
N ARG A 23 10.81 -36.44 -10.66
CA ARG A 23 9.68 -37.01 -11.38
C ARG A 23 9.01 -36.01 -12.34
N GLY A 24 9.58 -34.81 -12.45
CA GLY A 24 9.10 -33.75 -13.34
C GLY A 24 8.15 -32.76 -12.72
N PHE A 25 7.94 -32.84 -11.38
CA PHE A 25 7.03 -31.94 -10.64
C PHE A 25 7.83 -30.84 -9.98
N VAL A 26 8.08 -29.77 -10.74
CA VAL A 26 8.89 -28.62 -10.34
C VAL A 26 8.10 -27.50 -9.61
N GLY A 27 6.84 -27.32 -9.97
CA GLY A 27 6.00 -26.29 -9.40
C GLY A 27 5.42 -26.68 -8.05
N MET A 28 5.51 -25.77 -7.07
CA MET A 28 4.98 -25.97 -5.71
C MET A 28 4.85 -24.67 -4.94
N THR A 29 3.92 -24.62 -3.96
CA THR A 29 3.75 -23.49 -3.04
C THR A 29 3.98 -24.04 -1.63
N VAL A 30 4.82 -23.34 -0.85
CA VAL A 30 5.27 -23.76 0.47
C VAL A 30 4.91 -22.75 1.53
N THR A 31 4.29 -23.23 2.63
CA THR A 31 3.87 -22.37 3.75
C THR A 31 4.42 -22.93 5.05
N GLU A 32 4.86 -22.03 5.95
CA GLU A 32 5.31 -22.40 7.29
C GLU A 32 4.05 -22.41 8.15
N VAL A 33 3.77 -23.55 8.80
CA VAL A 33 2.58 -23.75 9.61
C VAL A 33 2.96 -24.37 10.95
N LYS A 34 1.94 -24.59 11.78
CA LYS A 34 2.08 -25.29 13.05
C LYS A 34 1.00 -26.35 13.09
N GLY A 35 1.21 -27.36 13.89
CA GLY A 35 0.18 -28.40 14.00
C GLY A 35 0.25 -29.21 15.26
N ARG A 36 -0.77 -30.03 15.49
CA ARG A 36 -0.79 -30.98 16.59
C ARG A 36 -1.58 -32.21 16.19
N GLY A 37 -1.43 -33.27 16.96
CA GLY A 37 -2.15 -34.52 16.72
C GLY A 37 -1.67 -35.57 17.68
N GLU A 38 -1.45 -36.79 17.16
CA GLU A 38 -0.91 -37.99 17.83
C GLU A 38 0.43 -37.71 18.52
N GLN A 39 1.35 -37.00 17.85
CA GLN A 39 2.73 -36.68 18.27
C GLN A 39 2.78 -35.96 19.63
N LYS A 40 3.72 -36.36 20.50
CA LYS A 40 3.88 -35.74 21.81
C LYS A 40 4.46 -34.32 21.69
N GLY A 41 3.91 -33.39 22.48
CA GLY A 41 4.34 -32.00 22.52
C GLY A 41 5.72 -31.80 23.10
N ILE A 42 6.31 -30.63 22.86
CA ILE A 42 7.66 -30.29 23.33
C ILE A 42 7.63 -29.51 24.67
N ARG A 43 8.53 -29.89 25.60
CA ARG A 43 8.73 -29.32 26.94
C ARG A 43 10.17 -29.66 27.39
N LEU A 44 11.15 -28.71 27.47
CA LEU A 44 11.19 -27.25 27.21
C LEU A 44 10.88 -26.30 28.38
N GLN A 45 10.35 -26.81 29.52
CA GLN A 45 10.04 -25.98 30.69
C GLN A 45 11.34 -25.52 31.39
N PHE A 46 11.81 -24.32 31.00
CA PHE A 46 13.06 -23.72 31.50
C PHE A 46 12.86 -22.89 32.77
N ARG A 47 13.79 -23.04 33.73
CA ARG A 47 13.80 -22.33 35.01
C ARG A 47 15.16 -21.65 35.18
N GLY A 48 15.20 -20.33 35.41
CA GLY A 48 14.03 -19.46 35.51
C GLY A 48 14.39 -17.99 35.56
N VAL A 51 6.04 -23.31 29.62
CA VAL A 51 6.48 -23.38 28.22
C VAL A 51 6.91 -24.82 27.83
N GLU A 52 6.01 -25.72 27.33
CA GLU A 52 4.57 -25.69 26.98
C GLU A 52 4.43 -26.23 25.56
N VAL A 53 4.77 -25.38 24.57
CA VAL A 53 4.69 -25.57 23.11
C VAL A 53 3.97 -26.86 22.61
N ASP A 54 2.62 -26.80 22.57
CA ASP A 54 1.81 -27.94 22.12
C ASP A 54 1.59 -27.96 20.60
N LEU A 55 1.75 -26.80 19.92
CA LEU A 55 1.66 -26.71 18.46
C LEU A 55 3.10 -26.76 17.93
N LEU A 56 3.44 -27.80 17.18
CA LEU A 56 4.80 -27.99 16.67
C LEU A 56 4.93 -27.39 15.28
N GLN A 57 6.13 -26.94 14.92
CA GLN A 57 6.40 -26.39 13.58
C GLN A 57 6.31 -27.47 12.54
N LYS A 58 5.64 -27.16 11.42
CA LYS A 58 5.45 -28.07 10.29
C LYS A 58 5.57 -27.26 9.01
N THR A 59 5.64 -27.94 7.89
CA THR A 59 5.75 -27.30 6.58
C THR A 59 4.64 -27.82 5.69
N LYS A 60 3.92 -26.91 5.06
CA LYS A 60 2.87 -27.28 4.11
C LYS A 60 3.39 -27.12 2.70
N VAL A 61 3.28 -28.18 1.91
CA VAL A 61 3.70 -28.21 0.50
C VAL A 61 2.46 -28.46 -0.35
N GLU A 62 2.13 -27.54 -1.25
CA GLU A 62 0.98 -27.67 -2.12
C GLU A 62 1.42 -27.81 -3.57
N VAL A 63 0.96 -28.88 -4.22
CA VAL A 63 1.29 -29.14 -5.61
C VAL A 63 0.05 -29.50 -6.43
N VAL A 64 -0.28 -28.64 -7.39
CA VAL A 64 -1.44 -28.81 -8.27
C VAL A 64 -0.99 -29.60 -9.50
N VAL A 65 -1.64 -30.77 -9.72
CA VAL A 65 -1.30 -31.68 -10.80
C VAL A 65 -2.56 -32.20 -11.51
N SER A 66 -2.36 -32.90 -12.66
CA SER A 66 -3.44 -33.53 -13.40
C SER A 66 -3.91 -34.74 -12.57
N ASP A 67 -5.18 -35.15 -12.73
CA ASP A 67 -5.75 -36.29 -12.00
C ASP A 67 -4.91 -37.56 -12.04
N ASP A 68 -4.34 -37.90 -13.21
CA ASP A 68 -3.56 -39.11 -13.41
C ASP A 68 -2.17 -39.10 -12.75
N ALA A 69 -1.68 -37.92 -12.30
CA ALA A 69 -0.37 -37.81 -11.66
C ALA A 69 -0.44 -37.88 -10.12
N VAL A 70 -1.64 -37.79 -9.54
CA VAL A 70 -1.87 -37.76 -8.07
C VAL A 70 -1.18 -38.90 -7.32
N ASP A 71 -1.44 -40.16 -7.73
CA ASP A 71 -0.88 -41.33 -7.06
C ASP A 71 0.65 -41.32 -7.07
N GLU A 72 1.27 -40.83 -8.17
CA GLU A 72 2.72 -40.72 -8.27
C GLU A 72 3.25 -39.64 -7.32
N VAL A 73 2.59 -38.46 -7.27
CA VAL A 73 2.97 -37.33 -6.40
C VAL A 73 2.82 -37.77 -4.93
N VAL A 74 1.68 -38.39 -4.56
CA VAL A 74 1.42 -38.87 -3.20
C VAL A 74 2.53 -39.87 -2.76
N GLU A 75 2.84 -40.88 -3.59
CA GLU A 75 3.88 -41.89 -3.33
C GLU A 75 5.27 -41.25 -3.19
N ALA A 76 5.58 -40.24 -4.02
CA ALA A 76 6.87 -39.53 -3.95
C ALA A 76 7.01 -38.79 -2.63
N ILE A 77 5.91 -38.18 -2.12
CA ILE A 77 5.94 -37.44 -0.86
C ILE A 77 5.99 -38.41 0.33
N VAL A 78 5.18 -39.48 0.30
CA VAL A 78 5.21 -40.46 1.39
C VAL A 78 6.66 -41.01 1.53
N SER A 79 7.26 -41.46 0.42
CA SER A 79 8.64 -42.03 0.45
C SER A 79 9.70 -41.07 0.95
N SER A 80 9.60 -39.79 0.58
CA SER A 80 10.62 -38.80 0.96
C SER A 80 10.36 -38.08 2.29
N ALA A 81 9.13 -38.10 2.81
CA ALA A 81 8.81 -37.42 4.07
C ALA A 81 8.68 -38.35 5.28
N ARG A 82 8.56 -39.67 5.04
CA ARG A 82 8.37 -40.62 6.14
C ARG A 82 9.60 -40.91 6.98
N THR A 83 9.37 -41.17 8.28
CA THR A 83 10.40 -41.59 9.25
C THR A 83 9.89 -42.86 9.94
N GLY A 84 8.56 -43.01 10.03
CA GLY A 84 7.89 -44.11 10.72
C GLY A 84 7.47 -43.75 12.12
N LYS A 85 7.81 -42.53 12.54
CA LYS A 85 7.49 -42.02 13.89
C LYS A 85 6.26 -41.11 13.84
N PHE A 86 5.55 -40.99 14.98
CA PHE A 86 4.39 -40.10 15.12
C PHE A 86 4.83 -38.67 14.82
N GLY A 87 4.08 -37.99 13.96
CA GLY A 87 4.36 -36.62 13.58
C GLY A 87 4.83 -36.43 12.14
N ASP A 88 4.90 -37.53 11.36
CA ASP A 88 5.31 -37.48 9.95
C ASP A 88 4.41 -36.58 9.09
N GLY A 89 3.13 -36.54 9.45
CA GLY A 89 2.19 -35.66 8.75
C GLY A 89 1.19 -36.35 7.86
N ARG A 90 0.49 -35.53 7.08
CA ARG A 90 -0.61 -35.97 6.24
C ARG A 90 -0.54 -35.40 4.86
N ILE A 91 -1.22 -36.08 3.94
CA ILE A 91 -1.39 -35.61 2.58
C ILE A 91 -2.92 -35.57 2.31
N PHE A 92 -3.42 -34.43 1.89
CA PHE A 92 -4.84 -34.24 1.57
C PHE A 92 -4.94 -33.91 0.10
N VAL A 93 -5.84 -34.61 -0.61
CA VAL A 93 -6.06 -34.40 -2.05
C VAL A 93 -7.39 -33.65 -2.22
N ILE A 94 -7.30 -32.43 -2.76
CA ILE A 94 -8.46 -31.54 -2.91
C ILE A 94 -8.74 -31.29 -4.41
N PRO A 95 -10.00 -31.31 -4.86
CA PRO A 95 -10.28 -31.03 -6.29
C PRO A 95 -9.97 -29.58 -6.67
N VAL A 96 -9.45 -29.40 -7.91
CA VAL A 96 -9.15 -28.09 -8.48
C VAL A 96 -9.93 -28.07 -9.81
N GLU A 97 -10.90 -27.17 -9.92
CA GLU A 97 -11.73 -27.14 -11.12
C GLU A 97 -11.13 -26.35 -12.28
N LYS A 98 -10.35 -25.31 -11.96
CA LYS A 98 -9.72 -24.41 -12.93
C LYS A 98 -8.36 -24.01 -12.41
N SER A 99 -7.39 -23.92 -13.31
CA SER A 99 -6.01 -23.53 -12.99
C SER A 99 -5.63 -22.45 -14.00
N VAL A 100 -5.42 -21.22 -13.55
CA VAL A 100 -5.08 -20.09 -14.43
C VAL A 100 -3.62 -19.68 -14.28
N LYS A 101 -2.92 -19.48 -15.41
CA LYS A 101 -1.55 -18.97 -15.40
C LYS A 101 -1.69 -17.46 -15.62
N ILE A 102 -1.43 -16.67 -14.59
CA ILE A 102 -1.59 -15.21 -14.60
C ILE A 102 -0.90 -14.49 -15.78
N ARG A 103 0.37 -14.82 -16.08
CA ARG A 103 1.11 -14.17 -17.18
C ARG A 103 0.52 -14.30 -18.57
N THR A 104 -0.13 -15.43 -18.86
CA THR A 104 -0.71 -15.70 -20.19
C THR A 104 -2.22 -15.55 -20.21
N GLY A 105 -2.87 -15.71 -19.06
CA GLY A 105 -4.33 -15.67 -18.95
C GLY A 105 -4.95 -16.99 -19.38
N ASP A 106 -4.11 -17.99 -19.67
CA ASP A 106 -4.58 -19.31 -20.10
C ASP A 106 -5.09 -20.08 -18.90
N GLU A 107 -6.25 -20.67 -19.06
CA GLU A 107 -6.96 -21.41 -18.04
C GLU A 107 -7.07 -22.89 -18.41
N GLU A 108 -6.69 -23.78 -17.48
CA GLU A 108 -6.79 -25.23 -17.62
C GLU A 108 -8.07 -25.63 -16.89
N VAL A 109 -8.93 -26.41 -17.57
CA VAL A 109 -10.20 -26.91 -17.05
C VAL A 109 -10.20 -28.42 -17.37
N ALA A 110 -10.83 -29.24 -16.52
CA ALA A 110 -10.95 -30.70 -16.73
C ALA A 110 -12.39 -31.05 -17.07
N ALA A 111 -12.61 -32.11 -17.88
CA ALA A 111 -13.97 -32.56 -18.28
C ALA A 111 -14.03 -34.03 -18.71
N ALA A 112 -14.50 -34.92 -17.81
CA ALA A 112 -14.63 -36.36 -18.07
C ALA A 112 -15.89 -36.92 -17.42
N MET B 1 8.66 27.00 -19.19
CA MET B 1 7.41 26.95 -18.43
C MET B 1 7.63 27.55 -17.05
N LYS B 2 6.54 27.92 -16.40
CA LYS B 2 6.60 28.46 -15.05
C LYS B 2 5.50 27.89 -14.21
N MET B 3 5.73 27.81 -12.88
CA MET B 3 4.65 27.45 -11.97
C MET B 3 4.23 28.74 -11.29
N VAL B 4 2.95 29.10 -11.47
CA VAL B 4 2.35 30.26 -10.83
C VAL B 4 1.74 29.72 -9.52
N VAL B 5 2.29 30.17 -8.37
CA VAL B 5 1.86 29.75 -7.05
C VAL B 5 1.12 30.89 -6.40
N ALA B 6 -0.19 30.72 -6.21
CA ALA B 6 -1.00 31.74 -5.56
C ALA B 6 -1.42 31.26 -4.17
N VAL B 7 -1.27 32.14 -3.17
CA VAL B 7 -1.75 31.86 -1.81
C VAL B 7 -2.85 32.90 -1.57
N ILE B 8 -4.08 32.44 -1.49
CA ILE B 8 -5.27 33.32 -1.44
C ILE B 8 -6.16 33.05 -0.25
N ARG B 9 -7.18 33.90 -0.06
CA ARG B 9 -8.20 33.70 0.96
C ARG B 9 -9.03 32.49 0.50
N PRO B 10 -9.39 31.55 1.40
CA PRO B 10 -10.14 30.35 0.96
C PRO B 10 -11.44 30.64 0.21
N GLU B 11 -12.19 31.68 0.62
CA GLU B 11 -13.46 32.05 -0.04
C GLU B 11 -13.30 32.54 -1.50
N LYS B 12 -12.06 32.85 -1.91
CA LYS B 12 -11.77 33.33 -3.27
C LYS B 12 -11.47 32.23 -4.26
N LEU B 13 -11.34 30.96 -3.80
CA LEU B 13 -11.03 29.81 -4.67
C LEU B 13 -11.98 29.73 -5.87
N GLU B 14 -13.31 29.81 -5.63
CA GLU B 14 -14.27 29.73 -6.73
C GLU B 14 -14.10 30.82 -7.76
N CYS B 15 -13.84 32.06 -7.32
CA CYS B 15 -13.62 33.22 -8.20
C CYS B 15 -12.39 32.97 -9.04
N VAL B 16 -11.30 32.51 -8.37
CA VAL B 16 -10.04 32.24 -9.06
C VAL B 16 -10.21 31.15 -10.10
N LYS B 17 -10.81 30.02 -9.71
CA LYS B 17 -11.06 28.89 -10.63
C LYS B 17 -11.82 29.37 -11.86
N LYS B 18 -12.88 30.19 -11.66
CA LYS B 18 -13.70 30.73 -12.76
C LYS B 18 -12.88 31.64 -13.69
N ALA B 19 -12.12 32.59 -13.11
CA ALA B 19 -11.27 33.50 -13.89
C ALA B 19 -10.22 32.76 -14.70
N LEU B 20 -9.67 31.64 -14.16
CA LEU B 20 -8.66 30.87 -14.90
C LEU B 20 -9.33 30.04 -16.00
N GLU B 21 -10.46 29.36 -15.68
CA GLU B 21 -11.29 28.54 -16.58
C GLU B 21 -11.65 29.31 -17.85
N GLU B 22 -12.18 30.55 -17.67
CA GLU B 22 -12.63 31.48 -18.73
C GLU B 22 -11.55 31.78 -19.75
N ARG B 23 -10.27 31.83 -19.30
CA ARG B 23 -9.13 32.15 -20.15
C ARG B 23 -8.43 30.93 -20.74
N GLY B 24 -9.00 29.75 -20.51
CA GLY B 24 -8.48 28.49 -21.03
C GLY B 24 -7.51 27.75 -20.13
N PHE B 25 -7.34 28.22 -18.87
CA PHE B 25 -6.45 27.59 -17.89
C PHE B 25 -7.27 26.71 -16.95
N VAL B 26 -7.45 25.45 -17.36
CA VAL B 26 -8.27 24.44 -16.67
C VAL B 26 -7.48 23.61 -15.65
N GLY B 27 -6.21 23.36 -15.91
CA GLY B 27 -5.38 22.56 -15.03
C GLY B 27 -4.86 23.33 -13.82
N MET B 28 -4.98 22.74 -12.62
CA MET B 28 -4.50 23.36 -11.36
C MET B 28 -4.39 22.36 -10.23
N THR B 29 -3.49 22.62 -9.26
CA THR B 29 -3.33 21.80 -8.05
C THR B 29 -3.60 22.73 -6.87
N VAL B 30 -4.46 22.28 -5.95
CA VAL B 30 -4.95 23.08 -4.82
C VAL B 30 -4.58 22.43 -3.49
N THR B 31 -4.00 23.23 -2.57
CA THR B 31 -3.59 22.74 -1.24
C THR B 31 -4.16 23.66 -0.18
N GLU B 32 -4.61 23.08 0.94
CA GLU B 32 -5.06 23.84 2.11
C GLU B 32 -3.84 24.10 2.94
N VAL B 33 -3.57 25.39 3.20
CA VAL B 33 -2.39 25.82 3.94
C VAL B 33 -2.79 26.82 5.04
N LYS B 34 -1.79 27.31 5.77
CA LYS B 34 -1.96 28.34 6.78
C LYS B 34 -0.87 29.38 6.51
N GLY B 35 -1.11 30.60 6.95
CA GLY B 35 -0.12 31.64 6.74
C GLY B 35 -0.22 32.78 7.72
N ARG B 36 0.81 33.62 7.76
CA ARG B 36 0.81 34.84 8.54
C ARG B 36 1.57 35.90 7.73
N GLY B 37 1.34 37.17 8.08
CA GLY B 37 1.98 38.32 7.45
C GLY B 37 1.53 39.59 8.16
N GLU B 38 1.22 40.65 7.39
CA GLU B 38 0.75 41.93 7.93
C GLU B 38 -0.69 41.91 8.44
N GLN B 39 -1.50 40.94 7.97
CA GLN B 39 -2.89 40.75 8.39
C GLN B 39 -2.94 40.44 9.89
N LYS B 40 -3.88 41.08 10.61
CA LYS B 40 -4.04 40.90 12.05
C LYS B 40 -4.95 39.73 12.43
N GLY B 41 -5.15 39.54 13.73
CA GLY B 41 -5.99 38.50 14.30
C GLY B 41 -5.36 37.11 14.23
N ILE B 42 -6.17 36.05 14.39
CA ILE B 42 -7.62 36.12 14.66
C ILE B 42 -7.88 35.89 16.16
N ARG B 43 -8.66 36.79 16.78
CA ARG B 43 -8.91 36.78 18.22
C ARG B 43 -9.73 35.65 18.82
N LEU B 44 -10.99 35.44 18.36
CA LEU B 44 -11.93 34.38 18.82
C LEU B 44 -11.86 33.93 20.31
N GLN B 45 -11.57 34.89 21.22
CA GLN B 45 -11.41 34.68 22.67
C GLN B 45 -12.71 34.41 23.45
N PHE B 46 -13.06 33.11 23.60
CA PHE B 46 -14.24 32.57 24.30
C PHE B 46 -14.15 31.01 24.41
N ARG B 47 -14.99 30.31 25.25
CA ARG B 47 -16.04 30.78 26.15
C ARG B 47 -15.51 31.41 27.43
N GLY B 48 -14.49 30.78 28.04
CA GLY B 48 -13.84 31.26 29.25
C GLY B 48 -13.22 32.62 29.05
N ARG B 49 -12.01 32.65 28.40
CA ARG B 49 -11.22 33.83 28.00
C ARG B 49 -9.82 33.54 27.44
N GLU B 50 -9.51 34.19 26.29
CA GLU B 50 -8.25 34.19 25.55
C GLU B 50 -7.78 32.90 24.84
N VAL B 51 -7.86 32.93 23.49
CA VAL B 51 -7.42 31.90 22.53
C VAL B 51 -7.00 32.57 21.21
N GLU B 52 -5.77 33.15 21.19
CA GLU B 52 -5.22 33.87 20.05
C GLU B 52 -4.49 32.97 19.05
N VAL B 53 -5.09 32.77 17.85
CA VAL B 53 -4.50 31.98 16.76
C VAL B 53 -3.87 32.92 15.72
N ASP B 54 -2.56 32.77 15.48
CA ASP B 54 -1.82 33.64 14.56
C ASP B 54 -1.60 33.11 13.14
N LEU B 55 -1.80 31.80 12.89
CA LEU B 55 -1.67 31.27 11.52
C LEU B 55 -3.07 31.11 10.94
N LEU B 56 -3.42 31.95 9.95
CA LEU B 56 -4.77 31.95 9.38
C LEU B 56 -4.88 30.97 8.21
N GLN B 57 -6.07 30.40 8.00
CA GLN B 57 -6.31 29.48 6.89
C GLN B 57 -6.20 30.20 5.54
N LYS B 58 -5.48 29.60 4.61
CA LYS B 58 -5.31 30.13 3.25
C LYS B 58 -5.42 28.98 2.28
N THR B 59 -5.49 29.28 0.99
CA THR B 59 -5.56 28.27 -0.06
C THR B 59 -4.44 28.52 -1.03
N LYS B 60 -3.70 27.46 -1.35
CA LYS B 60 -2.63 27.57 -2.34
C LYS B 60 -3.12 26.99 -3.65
N VAL B 61 -2.98 27.77 -4.72
CA VAL B 61 -3.37 27.37 -6.08
C VAL B 61 -2.11 27.36 -6.94
N GLU B 62 -1.76 26.21 -7.52
CA GLU B 62 -0.59 26.09 -8.36
C GLU B 62 -0.99 25.79 -9.78
N VAL B 63 -0.52 26.62 -10.71
CA VAL B 63 -0.83 26.44 -12.13
C VAL B 63 0.43 26.54 -13.00
N VAL B 64 0.79 25.44 -13.65
CA VAL B 64 1.98 25.38 -14.51
C VAL B 64 1.56 25.77 -15.91
N VAL B 65 2.18 26.85 -16.45
CA VAL B 65 1.86 27.41 -17.77
C VAL B 65 3.11 27.71 -18.59
N SER B 66 2.92 28.02 -19.91
CA SER B 66 4.01 28.42 -20.78
C SER B 66 4.45 29.83 -20.34
N ASP B 67 5.72 30.19 -20.60
CA ASP B 67 6.27 31.50 -20.22
C ASP B 67 5.43 32.69 -20.65
N ASP B 68 4.87 32.66 -21.87
CA ASP B 68 4.09 33.76 -22.43
C ASP B 68 2.70 33.95 -21.82
N ALA B 69 2.23 32.96 -21.04
CA ALA B 69 0.90 33.00 -20.40
C ALA B 69 0.93 33.53 -18.97
N VAL B 70 2.13 33.63 -18.37
CA VAL B 70 2.33 34.05 -16.96
C VAL B 70 1.63 35.35 -16.59
N ASP B 71 1.90 36.43 -17.35
CA ASP B 71 1.31 37.75 -17.05
C ASP B 71 -0.22 37.73 -17.09
N GLU B 72 -0.80 36.93 -18.01
CA GLU B 72 -2.26 36.77 -18.12
C GLU B 72 -2.82 36.02 -16.89
N VAL B 73 -2.15 34.92 -16.47
CA VAL B 73 -2.57 34.11 -15.32
C VAL B 73 -2.45 34.94 -14.02
N VAL B 74 -1.32 35.64 -13.85
CA VAL B 74 -1.09 36.51 -12.69
C VAL B 74 -2.20 37.56 -12.58
N GLU B 75 -2.50 38.27 -13.70
CA GLU B 75 -3.55 39.28 -13.75
C GLU B 75 -4.93 38.71 -13.46
N ALA B 76 -5.25 37.52 -13.98
CA ALA B 76 -6.52 36.84 -13.74
C ALA B 76 -6.69 36.52 -12.24
N ILE B 77 -5.61 36.07 -11.57
CA ILE B 77 -5.65 35.74 -10.14
C ILE B 77 -5.76 37.02 -9.31
N VAL B 78 -4.93 38.04 -9.62
CA VAL B 78 -4.99 39.32 -8.87
C VAL B 78 -6.43 39.87 -8.91
N SER B 79 -7.02 39.97 -10.11
CA SER B 79 -8.38 40.51 -10.30
C SER B 79 -9.47 39.73 -9.55
N SER B 80 -9.39 38.40 -9.54
CA SER B 80 -10.40 37.54 -8.90
C SER B 80 -10.18 37.25 -7.40
N ALA B 81 -8.94 37.45 -6.89
CA ALA B 81 -8.65 37.16 -5.49
C ALA B 81 -8.57 38.40 -4.60
N ARG B 82 -8.42 39.60 -5.19
CA ARG B 82 -8.26 40.82 -4.41
C ARG B 82 -9.53 41.32 -3.71
N THR B 83 -9.35 41.96 -2.55
CA THR B 83 -10.37 42.63 -1.75
C THR B 83 -9.88 44.05 -1.44
N GLY B 84 -8.55 44.22 -1.37
CA GLY B 84 -7.91 45.48 -1.01
C GLY B 84 -7.51 45.51 0.46
N LYS B 85 -8.06 44.57 1.27
CA LYS B 85 -7.76 44.43 2.70
C LYS B 85 -6.45 43.65 2.89
N PHE B 86 -5.82 43.80 4.09
CA PHE B 86 -4.62 43.06 4.46
C PHE B 86 -5.00 41.58 4.53
N GLY B 87 -4.21 40.73 3.88
CA GLY B 87 -4.43 39.29 3.87
C GLY B 87 -4.84 38.69 2.55
N ASP B 88 -4.88 39.50 1.46
CA ASP B 88 -5.26 39.02 0.12
C ASP B 88 -4.36 37.91 -0.39
N GLY B 89 -3.08 37.98 -0.02
CA GLY B 89 -2.12 36.96 -0.39
C GLY B 89 -1.10 37.36 -1.42
N ARG B 90 -0.37 36.36 -1.91
CA ARG B 90 0.75 36.53 -2.81
C ARG B 90 0.71 35.57 -3.96
N ILE B 91 1.44 35.94 -5.02
CA ILE B 91 1.65 35.12 -6.19
C ILE B 91 3.16 35.04 -6.39
N PHE B 92 3.69 33.82 -6.44
CA PHE B 92 5.11 33.55 -6.67
C PHE B 92 5.26 32.79 -7.97
N VAL B 93 6.17 33.26 -8.85
CA VAL B 93 6.41 32.63 -10.15
C VAL B 93 7.74 31.91 -10.09
N ILE B 94 7.69 30.58 -10.23
CA ILE B 94 8.83 29.70 -10.10
C ILE B 94 9.16 29.03 -11.45
N PRO B 95 10.45 28.93 -11.86
CA PRO B 95 10.75 28.25 -13.14
C PRO B 95 10.48 26.75 -13.08
N VAL B 96 9.98 26.21 -14.19
CA VAL B 96 9.73 24.77 -14.36
C VAL B 96 10.54 24.38 -15.60
N GLU B 97 11.52 23.49 -15.40
CA GLU B 97 12.41 23.07 -16.48
C GLU B 97 11.83 22.01 -17.39
N LYS B 98 11.01 21.11 -16.80
CA LYS B 98 10.39 19.98 -17.50
C LYS B 98 9.03 19.75 -16.91
N SER B 99 8.08 19.41 -17.75
CA SER B 99 6.71 19.09 -17.36
C SER B 99 6.36 17.76 -18.04
N VAL B 100 6.21 16.69 -17.26
CA VAL B 100 5.93 15.34 -17.76
C VAL B 100 4.48 14.96 -17.55
N LYS B 101 3.83 14.40 -18.60
CA LYS B 101 2.48 13.88 -18.51
C LYS B 101 2.67 12.38 -18.24
N ILE B 102 2.35 11.94 -17.02
CA ILE B 102 2.52 10.55 -16.57
C ILE B 102 1.93 9.48 -17.50
N ARG B 103 0.67 9.67 -17.97
CA ARG B 103 0.02 8.68 -18.83
C ARG B 103 0.70 8.38 -20.16
N THR B 104 1.36 9.38 -20.76
CA THR B 104 2.04 9.23 -22.06
C THR B 104 3.55 9.12 -21.93
N GLY B 105 4.12 9.69 -20.89
CA GLY B 105 5.56 9.70 -20.76
C GLY B 105 6.21 10.84 -21.49
N ASP B 106 5.40 11.66 -22.13
CA ASP B 106 5.91 12.79 -22.90
C ASP B 106 6.19 14.00 -22.04
N GLU B 107 7.29 14.67 -22.31
CA GLU B 107 7.62 15.82 -21.54
C GLU B 107 7.85 17.06 -22.34
N GLU B 108 7.43 18.14 -21.74
CA GLU B 108 7.52 19.49 -22.28
C GLU B 108 8.79 20.10 -21.68
N VAL B 109 9.64 20.65 -22.53
CA VAL B 109 10.90 21.31 -22.17
C VAL B 109 10.87 22.62 -22.98
N ALA B 110 11.52 23.67 -22.51
CA ALA B 110 11.56 24.93 -23.25
C ALA B 110 12.67 24.86 -24.29
N ALA B 111 12.35 25.19 -25.56
CA ALA B 111 13.36 25.26 -26.60
C ALA B 111 13.94 26.69 -26.52
N ALA B 112 15.28 26.81 -26.45
CA ALA B 112 15.97 28.10 -26.32
C ALA B 112 17.34 28.09 -26.99
N MET C 1 -14.64 -37.37 3.17
CA MET C 1 -13.78 -36.54 4.01
C MET C 1 -13.93 -35.09 3.60
N LYS C 2 -13.79 -34.16 4.55
CA LYS C 2 -13.85 -32.73 4.25
C LYS C 2 -12.77 -32.00 5.00
N MET C 3 -12.32 -30.85 4.49
CA MET C 3 -11.42 -30.00 5.23
C MET C 3 -12.23 -28.84 5.73
N VAL C 4 -12.26 -28.66 7.05
CA VAL C 4 -12.94 -27.56 7.71
C VAL C 4 -11.88 -26.49 7.90
N VAL C 5 -12.05 -25.35 7.24
CA VAL C 5 -11.09 -24.23 7.26
C VAL C 5 -11.70 -23.09 8.03
N ALA C 6 -11.19 -22.81 9.25
CA ALA C 6 -11.73 -21.71 10.02
C ALA C 6 -10.74 -20.58 10.05
N VAL C 7 -11.22 -19.34 9.82
CA VAL C 7 -10.36 -18.15 9.91
C VAL C 7 -10.94 -17.38 11.10
N ILE C 8 -10.17 -17.27 12.19
CA ILE C 8 -10.63 -16.73 13.46
C ILE C 8 -9.78 -15.59 14.01
N ARG C 9 -10.28 -14.97 15.11
CA ARG C 9 -9.51 -13.96 15.83
C ARG C 9 -8.38 -14.76 16.52
N PRO C 10 -7.14 -14.26 16.51
CA PRO C 10 -6.03 -15.01 17.12
C PRO C 10 -6.21 -15.39 18.60
N GLU C 11 -6.86 -14.51 19.41
CA GLU C 11 -7.09 -14.80 20.84
C GLU C 11 -8.08 -15.97 21.08
N LYS C 12 -8.80 -16.42 20.02
CA LYS C 12 -9.76 -17.52 20.15
C LYS C 12 -9.14 -18.90 19.89
N LEU C 13 -7.86 -18.95 19.46
CA LEU C 13 -7.18 -20.21 19.15
C LEU C 13 -7.27 -21.22 20.29
N GLU C 14 -6.97 -20.79 21.55
CA GLU C 14 -7.06 -21.70 22.70
C GLU C 14 -8.44 -22.24 22.95
N CYS C 15 -9.48 -21.42 22.75
CA CYS C 15 -10.89 -21.84 22.92
C CYS C 15 -11.21 -22.90 21.88
N VAL C 16 -10.85 -22.61 20.61
CA VAL C 16 -11.12 -23.52 19.49
C VAL C 16 -10.38 -24.84 19.67
N LYS C 17 -9.10 -24.80 20.03
CA LYS C 17 -8.31 -26.01 20.26
C LYS C 17 -8.96 -26.88 21.33
N LYS C 18 -9.37 -26.26 22.45
CA LYS C 18 -10.02 -26.94 23.56
C LYS C 18 -11.33 -27.59 23.13
N ALA C 19 -12.21 -26.81 22.44
CA ALA C 19 -13.51 -27.31 21.98
C ALA C 19 -13.36 -28.48 21.01
N LEU C 20 -12.30 -28.48 20.20
CA LEU C 20 -12.07 -29.58 19.24
C LEU C 20 -11.54 -30.82 19.96
N GLU C 21 -10.51 -30.64 20.82
CA GLU C 21 -9.91 -31.73 21.64
C GLU C 21 -10.94 -32.46 22.48
N GLU C 22 -11.85 -31.72 23.15
CA GLU C 22 -12.93 -32.28 24.00
C GLU C 22 -13.82 -33.27 23.24
N ARG C 23 -14.04 -33.02 21.94
CA ARG C 23 -14.89 -33.83 21.08
C ARG C 23 -14.15 -34.93 20.31
N GLY C 24 -12.86 -35.10 20.60
CA GLY C 24 -12.03 -36.13 19.98
C GLY C 24 -11.31 -35.71 18.71
N PHE C 25 -11.35 -34.41 18.35
CA PHE C 25 -10.67 -33.87 17.17
C PHE C 25 -9.35 -33.22 17.62
N VAL C 26 -8.31 -34.05 17.76
CA VAL C 26 -6.98 -33.66 18.25
C VAL C 26 -6.06 -33.11 17.13
N GLY C 27 -6.20 -33.64 15.93
CA GLY C 27 -5.37 -33.23 14.80
C GLY C 27 -5.84 -31.94 14.15
N MET C 28 -4.91 -31.01 13.92
CA MET C 28 -5.22 -29.71 13.25
C MET C 28 -3.96 -29.05 12.75
N THR C 29 -4.09 -28.23 11.69
CA THR C 29 -2.96 -27.47 11.12
C THR C 29 -3.35 -26.00 11.26
N VAL C 30 -2.44 -25.20 11.81
CA VAL C 30 -2.65 -23.79 12.14
C VAL C 30 -1.69 -22.91 11.36
N THR C 31 -2.20 -21.84 10.77
CA THR C 31 -1.41 -20.89 9.97
C THR C 31 -1.74 -19.49 10.44
N GLU C 32 -0.71 -18.63 10.52
CA GLU C 32 -0.88 -17.20 10.84
C GLU C 32 -1.15 -16.52 9.51
N VAL C 33 -2.28 -15.82 9.42
CA VAL C 33 -2.69 -15.14 8.20
C VAL C 33 -3.14 -13.71 8.52
N LYS C 34 -3.55 -12.98 7.50
CA LYS C 34 -4.11 -11.65 7.62
C LYS C 34 -5.40 -11.63 6.82
N GLY C 35 -6.26 -10.70 7.15
CA GLY C 35 -7.49 -10.63 6.37
C GLY C 35 -8.22 -9.33 6.53
N ARG C 36 -9.25 -9.18 5.71
CA ARG C 36 -10.19 -8.07 5.73
C ARG C 36 -11.58 -8.55 5.26
N GLY C 37 -12.58 -7.72 5.53
CA GLY C 37 -13.97 -7.94 5.16
C GLY C 37 -14.78 -6.80 5.75
N GLU C 38 -15.81 -7.13 6.55
CA GLU C 38 -16.58 -6.11 7.26
C GLU C 38 -15.98 -6.05 8.69
N GLN C 39 -15.08 -5.05 8.93
CA GLN C 39 -14.38 -4.80 10.20
C GLN C 39 -13.69 -3.41 10.17
N LYS C 40 -12.34 -3.35 10.33
CA LYS C 40 -11.48 -2.14 10.33
C LYS C 40 -11.69 -1.21 11.54
N GLY C 41 -10.62 -0.74 12.18
CA GLY C 41 -9.21 -0.99 11.87
C GLY C 41 -8.26 -0.02 12.55
N ILE C 42 -8.79 0.82 13.48
CA ILE C 42 -8.15 1.87 14.30
C ILE C 42 -6.64 2.05 14.09
N GLU C 52 -6.78 2.86 8.11
CA GLU C 52 -6.56 1.68 8.95
C GLU C 52 -5.20 1.03 8.64
N VAL C 53 -5.16 -0.32 8.46
CA VAL C 53 -3.92 -1.04 8.14
C VAL C 53 -3.80 -1.62 6.70
N ASP C 54 -4.85 -2.25 6.10
CA ASP C 54 -6.18 -2.57 6.65
C ASP C 54 -6.39 -4.09 6.78
N LEU C 55 -5.29 -4.85 6.71
CA LEU C 55 -5.27 -6.29 6.86
C LEU C 55 -4.94 -6.59 8.30
N LEU C 56 -5.90 -7.17 9.01
CA LEU C 56 -5.79 -7.52 10.43
C LEU C 56 -5.28 -8.93 10.58
N GLN C 57 -4.55 -9.21 11.69
CA GLN C 57 -4.04 -10.54 11.99
C GLN C 57 -5.20 -11.48 12.30
N LYS C 58 -5.16 -12.68 11.70
CA LYS C 58 -6.16 -13.70 11.92
C LYS C 58 -5.42 -15.03 12.02
N THR C 59 -6.13 -16.07 12.47
CA THR C 59 -5.54 -17.39 12.61
C THR C 59 -6.37 -18.38 11.82
N LYS C 60 -5.71 -19.16 10.93
CA LYS C 60 -6.40 -20.17 10.15
C LYS C 60 -6.22 -21.50 10.82
N VAL C 61 -7.31 -22.21 11.06
CA VAL C 61 -7.32 -23.54 11.67
C VAL C 61 -7.92 -24.51 10.65
N GLU C 62 -7.15 -25.53 10.24
CA GLU C 62 -7.66 -26.52 9.28
C GLU C 62 -7.75 -27.88 9.95
N VAL C 63 -8.92 -28.49 9.84
CA VAL C 63 -9.16 -29.81 10.41
C VAL C 63 -9.82 -30.64 9.33
N VAL C 64 -9.18 -31.77 9.00
CA VAL C 64 -9.70 -32.71 8.02
C VAL C 64 -10.42 -33.78 8.80
N VAL C 65 -11.70 -33.96 8.50
CA VAL C 65 -12.58 -34.90 9.21
C VAL C 65 -13.43 -35.74 8.26
N SER C 66 -14.09 -36.78 8.80
CA SER C 66 -15.05 -37.62 8.06
C SER C 66 -16.29 -36.74 7.78
N ASP C 67 -17.01 -37.04 6.68
CA ASP C 67 -18.22 -36.30 6.28
C ASP C 67 -19.25 -36.09 7.40
N ASP C 68 -19.48 -37.15 8.21
CA ASP C 68 -20.46 -37.13 9.30
C ASP C 68 -20.09 -36.26 10.50
N ALA C 69 -18.81 -35.85 10.61
CA ALA C 69 -18.30 -35.07 11.74
C ALA C 69 -18.30 -33.57 11.46
N VAL C 70 -18.49 -33.16 10.19
CA VAL C 70 -18.45 -31.76 9.76
C VAL C 70 -19.33 -30.83 10.60
N ASP C 71 -20.63 -31.14 10.70
CA ASP C 71 -21.58 -30.31 11.44
C ASP C 71 -21.17 -30.13 12.90
N GLU C 72 -20.65 -31.20 13.53
CA GLU C 72 -20.18 -31.18 14.93
C GLU C 72 -18.96 -30.26 15.06
N VAL C 73 -17.99 -30.42 14.14
CA VAL C 73 -16.76 -29.61 14.10
C VAL C 73 -17.12 -28.14 13.86
N VAL C 74 -17.92 -27.85 12.83
CA VAL C 74 -18.35 -26.47 12.51
C VAL C 74 -19.01 -25.81 13.74
N GLU C 75 -19.94 -26.52 14.40
CA GLU C 75 -20.66 -26.03 15.57
C GLU C 75 -19.73 -25.79 16.75
N ALA C 76 -18.73 -26.69 16.97
CA ALA C 76 -17.72 -26.56 18.01
C ALA C 76 -16.89 -25.28 17.80
N ILE C 77 -16.53 -24.96 16.52
CA ILE C 77 -15.73 -23.78 16.19
C ILE C 77 -16.56 -22.53 16.32
N VAL C 78 -17.78 -22.52 15.76
CA VAL C 78 -18.68 -21.35 15.87
C VAL C 78 -18.85 -20.99 17.37
N SER C 79 -19.20 -21.97 18.22
CA SER C 79 -19.42 -21.76 19.67
C SER C 79 -18.19 -21.22 20.40
N SER C 80 -17.00 -21.72 20.07
CA SER C 80 -15.77 -21.30 20.74
C SER C 80 -15.13 -20.03 20.17
N ALA C 81 -15.39 -19.69 18.88
CA ALA C 81 -14.75 -18.53 18.26
C ALA C 81 -15.62 -17.26 18.22
N ARG C 82 -16.93 -17.41 18.38
CA ARG C 82 -17.85 -16.26 18.32
C ARG C 82 -17.76 -15.25 19.45
N THR C 83 -17.99 -13.97 19.10
CA THR C 83 -18.09 -12.84 20.05
C THR C 83 -19.43 -12.13 19.77
N GLY C 84 -19.89 -12.21 18.51
CA GLY C 84 -21.10 -11.55 18.04
C GLY C 84 -20.79 -10.24 17.36
N LYS C 85 -19.51 -9.85 17.33
CA LYS C 85 -19.00 -8.63 16.69
C LYS C 85 -18.41 -8.90 15.31
N PHE C 86 -18.34 -7.85 14.46
CA PHE C 86 -17.77 -7.92 13.11
C PHE C 86 -16.28 -8.30 13.23
N GLY C 87 -15.86 -9.32 12.48
CA GLY C 87 -14.48 -9.78 12.52
C GLY C 87 -14.29 -11.17 13.11
N ASP C 88 -15.39 -11.83 13.53
CA ASP C 88 -15.33 -13.19 14.12
C ASP C 88 -14.72 -14.24 13.16
N GLY C 89 -14.92 -14.01 11.87
CA GLY C 89 -14.35 -14.86 10.82
C GLY C 89 -15.32 -15.75 10.12
N ARG C 90 -14.76 -16.70 9.38
CA ARG C 90 -15.54 -17.63 8.54
C ARG C 90 -15.05 -19.05 8.66
N ILE C 91 -15.91 -19.98 8.29
CA ILE C 91 -15.59 -21.39 8.20
C ILE C 91 -15.94 -21.83 6.78
N PHE C 92 -14.97 -22.39 6.08
CA PHE C 92 -15.17 -22.90 4.71
C PHE C 92 -14.99 -24.40 4.72
N VAL C 93 -15.96 -25.13 4.15
CA VAL C 93 -15.90 -26.60 4.09
C VAL C 93 -15.55 -27.00 2.66
N ILE C 94 -14.40 -27.66 2.51
CA ILE C 94 -13.82 -28.04 1.22
C ILE C 94 -13.79 -29.56 1.09
N PRO C 95 -14.17 -30.16 -0.08
CA PRO C 95 -14.08 -31.61 -0.19
C PRO C 95 -12.63 -32.10 -0.22
N VAL C 96 -12.40 -33.27 0.39
CA VAL C 96 -11.10 -33.93 0.43
C VAL C 96 -11.37 -35.32 -0.14
N GLU C 97 -10.72 -35.66 -1.23
CA GLU C 97 -10.97 -36.97 -1.85
C GLU C 97 -10.19 -38.12 -1.21
N LYS C 98 -8.99 -37.82 -0.70
CA LYS C 98 -8.08 -38.78 -0.07
C LYS C 98 -7.34 -38.08 1.03
N SER C 99 -7.15 -38.75 2.16
CA SER C 99 -6.38 -38.28 3.30
C SER C 99 -5.36 -39.39 3.61
N VAL C 100 -4.05 -39.09 3.45
CA VAL C 100 -3.00 -40.10 3.61
C VAL C 100 -2.21 -39.82 4.86
N LYS C 101 -1.96 -40.87 5.67
CA LYS C 101 -1.13 -40.76 6.87
C LYS C 101 0.27 -41.19 6.37
N ILE C 102 1.20 -40.23 6.31
CA ILE C 102 2.55 -40.42 5.79
C ILE C 102 3.30 -41.63 6.43
N ARG C 103 3.27 -41.76 7.77
CA ARG C 103 4.00 -42.84 8.45
C ARG C 103 3.60 -44.26 8.11
N THR C 104 2.31 -44.48 7.79
CA THR C 104 1.79 -45.82 7.46
C THR C 104 1.55 -46.01 5.97
N GLY C 105 1.30 -44.90 5.28
CA GLY C 105 0.91 -44.94 3.89
C GLY C 105 -0.56 -45.21 3.70
N ASP C 106 -1.30 -45.37 4.77
CA ASP C 106 -2.70 -45.70 4.66
C ASP C 106 -3.44 -44.50 4.18
N GLU C 107 -4.41 -44.70 3.33
CA GLU C 107 -5.19 -43.60 2.85
C GLU C 107 -6.67 -43.75 3.12
N GLU C 108 -7.25 -42.69 3.66
CA GLU C 108 -8.67 -42.55 4.02
C GLU C 108 -9.46 -41.88 2.89
N VAL C 109 -10.47 -42.58 2.39
CA VAL C 109 -11.34 -42.22 1.25
C VAL C 109 -12.80 -42.38 1.79
N ALA C 110 -13.79 -41.76 1.15
CA ALA C 110 -15.19 -42.00 1.56
C ALA C 110 -15.61 -43.25 0.78
N ALA C 111 -16.28 -44.22 1.43
CA ALA C 111 -16.74 -45.37 0.63
C ALA C 111 -17.91 -44.81 -0.22
N ALA C 112 -17.77 -44.87 -1.55
CA ALA C 112 -18.74 -44.34 -2.53
C ALA C 112 -18.38 -44.82 -3.94
N MET D 1 -20.48 -22.39 -4.10
CA MET D 1 -19.46 -21.38 -3.87
C MET D 1 -18.10 -21.94 -4.28
N LYS D 2 -17.14 -21.04 -4.48
CA LYS D 2 -15.78 -21.46 -4.81
C LYS D 2 -14.77 -20.64 -4.05
N MET D 3 -13.59 -21.24 -3.80
CA MET D 3 -12.49 -20.48 -3.23
C MET D 3 -11.54 -20.21 -4.37
N VAL D 4 -11.29 -18.93 -4.63
CA VAL D 4 -10.34 -18.50 -5.65
C VAL D 4 -9.01 -18.29 -4.90
N VAL D 5 -8.00 -19.10 -5.23
CA VAL D 5 -6.69 -19.10 -4.56
C VAL D 5 -5.68 -18.54 -5.55
N ALA D 6 -5.20 -17.33 -5.31
CA ALA D 6 -4.24 -16.69 -6.19
C ALA D 6 -2.89 -16.62 -5.51
N VAL D 7 -1.84 -17.09 -6.19
CA VAL D 7 -0.47 -17.03 -5.68
C VAL D 7 0.22 -16.00 -6.56
N ILE D 8 0.59 -14.84 -5.98
CA ILE D 8 1.11 -13.69 -6.73
C ILE D 8 2.46 -13.20 -6.21
N ARG D 9 3.08 -12.25 -6.94
CA ARG D 9 4.32 -11.58 -6.51
C ARG D 9 3.93 -10.71 -5.31
N PRO D 10 4.74 -10.66 -4.23
CA PRO D 10 4.35 -9.86 -3.06
C PRO D 10 4.04 -8.38 -3.33
N GLU D 11 4.77 -7.75 -4.26
CA GLU D 11 4.57 -6.34 -4.61
C GLU D 11 3.23 -6.05 -5.29
N LYS D 12 2.53 -7.10 -5.75
CA LYS D 12 1.24 -6.97 -6.41
C LYS D 12 0.04 -7.01 -5.48
N LEU D 13 0.26 -7.34 -4.19
CA LEU D 13 -0.82 -7.41 -3.19
C LEU D 13 -1.72 -6.18 -3.18
N GLU D 14 -1.12 -4.97 -3.11
CA GLU D 14 -1.89 -3.72 -3.09
C GLU D 14 -2.75 -3.54 -4.34
N CYS D 15 -2.21 -3.88 -5.52
CA CYS D 15 -2.94 -3.79 -6.79
C CYS D 15 -4.13 -4.75 -6.76
N VAL D 16 -3.90 -6.01 -6.34
CA VAL D 16 -4.93 -7.05 -6.27
C VAL D 16 -6.01 -6.66 -5.29
N LYS D 17 -5.61 -6.23 -4.08
CA LYS D 17 -6.49 -5.79 -3.00
C LYS D 17 -7.45 -4.71 -3.54
N LYS D 18 -6.88 -3.68 -4.22
CA LYS D 18 -7.62 -2.57 -4.82
C LYS D 18 -8.55 -2.98 -5.96
N ALA D 19 -8.08 -3.84 -6.88
CA ALA D 19 -8.91 -4.32 -8.00
C ALA D 19 -10.11 -5.16 -7.53
N LEU D 20 -9.96 -5.92 -6.42
CA LEU D 20 -11.04 -6.74 -5.86
C LEU D 20 -12.06 -5.86 -5.14
N GLU D 21 -11.60 -4.95 -4.26
CA GLU D 21 -12.50 -4.06 -3.52
C GLU D 21 -13.29 -3.09 -4.43
N GLU D 22 -12.74 -2.80 -5.63
CA GLU D 22 -13.33 -1.96 -6.67
C GLU D 22 -14.59 -2.60 -7.24
N ARG D 23 -14.60 -3.95 -7.29
CA ARG D 23 -15.68 -4.77 -7.83
C ARG D 23 -16.65 -5.30 -6.77
N GLY D 24 -16.46 -4.88 -5.53
CA GLY D 24 -17.31 -5.26 -4.41
C GLY D 24 -16.84 -6.48 -3.62
N PHE D 25 -15.62 -6.98 -3.93
CA PHE D 25 -15.03 -8.14 -3.25
C PHE D 25 -14.07 -7.63 -2.18
N VAL D 26 -14.63 -7.34 -1.01
CA VAL D 26 -13.92 -6.81 0.15
C VAL D 26 -13.31 -7.88 1.04
N GLY D 27 -13.95 -9.04 1.14
CA GLY D 27 -13.45 -10.14 1.96
C GLY D 27 -12.33 -10.92 1.30
N MET D 28 -11.24 -11.16 2.04
CA MET D 28 -10.10 -11.94 1.55
C MET D 28 -9.21 -12.39 2.70
N THR D 29 -8.51 -13.53 2.53
CA THR D 29 -7.54 -14.04 3.49
C THR D 29 -6.19 -14.08 2.76
N VAL D 30 -5.16 -13.50 3.40
CA VAL D 30 -3.82 -13.33 2.84
C VAL D 30 -2.78 -14.08 3.64
N THR D 31 -1.94 -14.89 2.96
CA THR D 31 -0.89 -15.67 3.59
C THR D 31 0.43 -15.40 2.90
N GLU D 32 1.51 -15.31 3.69
CA GLU D 32 2.88 -15.17 3.19
C GLU D 32 3.35 -16.60 2.93
N VAL D 33 3.76 -16.88 1.70
CA VAL D 33 4.19 -18.21 1.28
C VAL D 33 5.50 -18.10 0.47
N LYS D 34 6.01 -19.25 0.03
CA LYS D 34 7.17 -19.37 -0.84
C LYS D 34 6.77 -20.33 -1.95
N GLY D 35 7.48 -20.28 -3.06
CA GLY D 35 7.20 -21.19 -4.15
C GLY D 35 8.27 -21.18 -5.23
N ARG D 36 8.06 -22.02 -6.24
CA ARG D 36 8.89 -22.11 -7.44
C ARG D 36 8.14 -22.81 -8.56
N GLY D 37 8.72 -22.78 -9.76
CA GLY D 37 8.17 -23.39 -10.97
C GLY D 37 9.03 -23.01 -12.16
N GLU D 38 8.41 -22.39 -13.20
CA GLU D 38 9.05 -21.91 -14.43
C GLU D 38 10.11 -20.85 -14.14
N GLN D 39 9.78 -19.86 -13.29
CA GLN D 39 10.65 -18.75 -12.90
C GLN D 39 11.87 -19.23 -12.11
N LYS D 40 13.04 -18.67 -12.45
CA LYS D 40 14.30 -18.91 -11.74
C LYS D 40 14.88 -17.56 -11.35
N GLY D 41 15.57 -17.51 -10.22
CA GLY D 41 16.17 -16.27 -9.75
C GLY D 41 17.15 -16.41 -8.61
N ILE D 42 18.12 -15.48 -8.59
CA ILE D 42 19.19 -15.28 -7.59
C ILE D 42 19.81 -16.54 -6.90
N ARG D 43 20.76 -17.30 -7.51
CA ARG D 43 21.42 -17.21 -8.83
C ARG D 43 22.14 -15.88 -9.18
N LEU D 44 22.36 -15.03 -8.16
CA LEU D 44 23.01 -13.70 -8.19
C LEU D 44 23.02 -13.12 -6.76
N GLN D 45 24.19 -13.11 -6.09
CA GLN D 45 24.29 -12.58 -4.73
C GLN D 45 25.63 -11.91 -4.39
N PHE D 46 25.61 -10.98 -3.42
CA PHE D 46 26.75 -10.19 -2.94
C PHE D 46 27.36 -10.79 -1.67
N ARG D 47 28.72 -10.91 -1.67
CA ARG D 47 29.65 -11.39 -0.62
C ARG D 47 31.05 -11.69 -1.17
N GLY D 48 31.20 -11.54 -2.49
CA GLY D 48 32.40 -11.88 -3.23
C GLY D 48 32.12 -13.13 -4.02
N ARG D 49 31.39 -14.06 -3.38
CA ARG D 49 30.90 -15.31 -3.93
C ARG D 49 29.42 -15.50 -3.52
N GLU D 50 28.96 -16.76 -3.27
CA GLU D 50 27.58 -17.13 -2.90
C GLU D 50 26.60 -16.89 -4.06
N VAL D 51 25.98 -17.97 -4.54
CA VAL D 51 25.05 -17.96 -5.68
C VAL D 51 24.02 -19.13 -5.53
N GLU D 52 23.03 -18.95 -4.60
CA GLU D 52 22.07 -20.01 -4.30
C GLU D 52 20.54 -19.76 -4.44
N VAL D 53 19.79 -19.75 -3.31
CA VAL D 53 18.32 -19.63 -3.21
C VAL D 53 17.56 -20.82 -3.86
N ASP D 54 16.22 -20.90 -3.68
CA ASP D 54 15.40 -21.99 -4.21
C ASP D 54 13.92 -21.57 -4.33
N LEU D 55 13.28 -21.32 -3.18
CA LEU D 55 11.91 -20.91 -3.06
C LEU D 55 11.86 -19.41 -2.91
N LEU D 56 11.14 -18.76 -3.82
CA LEU D 56 10.99 -17.31 -3.84
C LEU D 56 9.77 -16.94 -3.02
N GLN D 57 9.81 -15.75 -2.40
CA GLN D 57 8.70 -15.20 -1.61
C GLN D 57 7.52 -14.92 -2.54
N LYS D 58 6.32 -15.35 -2.12
CA LYS D 58 5.09 -15.16 -2.86
C LYS D 58 3.99 -14.80 -1.88
N THR D 59 2.85 -14.33 -2.39
CA THR D 59 1.72 -13.99 -1.53
C THR D 59 0.50 -14.77 -2.01
N LYS D 60 -0.17 -15.44 -1.09
CA LYS D 60 -1.39 -16.16 -1.39
C LYS D 60 -2.59 -15.31 -0.99
N VAL D 61 -3.52 -15.11 -1.92
CA VAL D 61 -4.76 -14.37 -1.69
C VAL D 61 -5.91 -15.36 -1.91
N GLU D 62 -6.74 -15.56 -0.88
CA GLU D 62 -7.89 -16.47 -0.99
C GLU D 62 -9.17 -15.68 -0.86
N VAL D 63 -10.07 -15.87 -1.83
CA VAL D 63 -11.36 -15.19 -1.83
C VAL D 63 -12.49 -16.15 -2.16
N VAL D 64 -13.38 -16.35 -1.19
CA VAL D 64 -14.51 -17.26 -1.34
C VAL D 64 -15.69 -16.46 -1.88
N VAL D 65 -16.21 -16.87 -3.04
CA VAL D 65 -17.31 -16.19 -3.75
C VAL D 65 -18.37 -17.16 -4.25
N SER D 66 -19.52 -16.63 -4.72
CA SER D 66 -20.58 -17.42 -5.35
C SER D 66 -20.04 -17.88 -6.70
N ASP D 67 -20.53 -19.04 -7.21
CA ASP D 67 -20.12 -19.60 -8.49
C ASP D 67 -20.10 -18.61 -9.65
N ASP D 68 -21.13 -17.75 -9.75
CA ASP D 68 -21.27 -16.79 -10.84
C ASP D 68 -20.31 -15.59 -10.78
N ALA D 69 -19.60 -15.41 -9.65
CA ALA D 69 -18.65 -14.31 -9.48
C ALA D 69 -17.19 -14.71 -9.77
N VAL D 70 -16.92 -16.01 -9.98
CA VAL D 70 -15.56 -16.56 -10.20
C VAL D 70 -14.81 -15.92 -11.37
N ASP D 71 -15.44 -15.90 -12.57
CA ASP D 71 -14.80 -15.33 -13.76
C ASP D 71 -14.42 -13.86 -13.57
N GLU D 72 -15.26 -13.09 -12.87
CA GLU D 72 -14.99 -11.68 -12.58
C GLU D 72 -13.79 -11.53 -11.61
N VAL D 73 -13.75 -12.36 -10.54
CA VAL D 73 -12.67 -12.37 -9.55
C VAL D 73 -11.36 -12.78 -10.21
N VAL D 74 -11.37 -13.87 -10.99
CA VAL D 74 -10.19 -14.37 -11.72
C VAL D 74 -9.63 -13.26 -12.63
N GLU D 75 -10.50 -12.61 -13.44
CA GLU D 75 -10.12 -11.55 -14.39
C GLU D 75 -9.55 -10.34 -13.66
N ALA D 76 -10.14 -9.96 -12.51
CA ALA D 76 -9.65 -8.85 -11.69
C ALA D 76 -8.24 -9.12 -11.16
N ILE D 77 -7.94 -10.37 -10.76
CA ILE D 77 -6.62 -10.76 -10.24
C ILE D 77 -5.60 -10.83 -11.38
N VAL D 78 -5.97 -11.48 -12.50
CA VAL D 78 -5.13 -11.59 -13.69
C VAL D 78 -4.65 -10.18 -14.12
N SER D 79 -5.60 -9.22 -14.28
CA SER D 79 -5.33 -7.84 -14.70
C SER D 79 -4.44 -7.04 -13.76
N SER D 80 -4.66 -7.17 -12.44
CA SER D 80 -3.89 -6.45 -11.43
C SER D 80 -2.55 -7.08 -11.02
N ALA D 81 -2.39 -8.40 -11.20
CA ALA D 81 -1.17 -9.12 -10.80
C ALA D 81 -0.16 -9.37 -11.91
N ARG D 82 -0.59 -9.31 -13.18
CA ARG D 82 0.29 -9.58 -14.31
C ARG D 82 1.39 -8.53 -14.57
N THR D 83 2.55 -9.02 -15.04
CA THR D 83 3.70 -8.22 -15.48
C THR D 83 4.07 -8.66 -16.89
N GLY D 84 3.79 -9.93 -17.21
CA GLY D 84 4.12 -10.54 -18.48
C GLY D 84 5.39 -11.36 -18.40
N LYS D 85 6.04 -11.34 -17.23
CA LYS D 85 7.28 -12.08 -16.96
C LYS D 85 7.00 -13.39 -16.20
N PHE D 86 7.93 -14.35 -16.30
CA PHE D 86 7.86 -15.64 -15.63
C PHE D 86 7.86 -15.39 -14.11
N GLY D 87 6.90 -16.00 -13.41
CA GLY D 87 6.78 -15.84 -11.96
C GLY D 87 5.58 -15.06 -11.49
N ASP D 88 4.70 -14.63 -12.43
CA ASP D 88 3.47 -13.88 -12.12
C ASP D 88 2.53 -14.64 -11.19
N GLY D 89 2.55 -15.96 -11.27
CA GLY D 89 1.77 -16.81 -10.41
C GLY D 89 0.63 -17.55 -11.05
N ARG D 90 -0.19 -18.17 -10.19
CA ARG D 90 -1.31 -19.01 -10.59
C ARG D 90 -2.56 -18.69 -9.82
N ILE D 91 -3.70 -19.07 -10.40
CA ILE D 91 -4.98 -18.96 -9.74
C ILE D 91 -5.59 -20.35 -9.79
N PHE D 92 -5.97 -20.89 -8.62
CA PHE D 92 -6.61 -22.20 -8.51
C PHE D 92 -8.01 -22.01 -7.98
N VAL D 93 -9.00 -22.62 -8.64
CA VAL D 93 -10.40 -22.50 -8.22
C VAL D 93 -10.81 -23.82 -7.59
N ILE D 94 -11.13 -23.77 -6.29
CA ILE D 94 -11.46 -24.94 -5.49
C ILE D 94 -12.94 -24.89 -5.04
N PRO D 95 -13.69 -26.01 -5.09
CA PRO D 95 -15.09 -25.95 -4.63
C PRO D 95 -15.21 -25.77 -3.12
N VAL D 96 -16.20 -24.98 -2.71
CA VAL D 96 -16.53 -24.73 -1.29
C VAL D 96 -17.98 -25.20 -1.12
N GLU D 97 -18.18 -26.21 -0.27
CA GLU D 97 -19.51 -26.78 -0.07
C GLU D 97 -20.36 -26.03 0.92
N LYS D 98 -19.73 -25.41 1.93
CA LYS D 98 -20.40 -24.67 3.01
C LYS D 98 -19.54 -23.49 3.39
N SER D 99 -20.17 -22.36 3.66
CA SER D 99 -19.49 -21.12 4.06
C SER D 99 -20.25 -20.60 5.27
N VAL D 100 -19.59 -20.57 6.45
CA VAL D 100 -20.24 -20.18 7.71
C VAL D 100 -19.71 -18.81 8.18
N LYS D 101 -20.62 -17.93 8.61
CA LYS D 101 -20.27 -16.63 9.17
C LYS D 101 -20.34 -16.87 10.69
N ILE D 102 -19.16 -16.90 11.32
CA ILE D 102 -19.03 -17.19 12.76
C ILE D 102 -19.95 -16.35 13.68
N ARG D 103 -20.00 -15.02 13.47
CA ARG D 103 -20.81 -14.13 14.32
C ARG D 103 -22.30 -14.43 14.39
N THR D 104 -22.89 -14.91 13.28
CA THR D 104 -24.32 -15.18 13.21
C THR D 104 -24.64 -16.67 13.25
N GLY D 105 -23.67 -17.51 12.90
CA GLY D 105 -23.87 -18.96 12.80
C GLY D 105 -24.59 -19.34 11.51
N ASP D 106 -24.82 -18.36 10.64
CA ASP D 106 -25.51 -18.62 9.37
C ASP D 106 -24.56 -19.28 8.39
N GLU D 107 -25.04 -20.36 7.80
CA GLU D 107 -24.29 -21.17 6.85
C GLU D 107 -24.88 -21.08 5.42
N GLU D 108 -24.02 -20.77 4.43
CA GLU D 108 -24.37 -20.76 2.99
C GLU D 108 -24.00 -22.13 2.43
N VAL D 109 -24.94 -22.77 1.74
CA VAL D 109 -24.79 -24.07 1.09
C VAL D 109 -25.35 -23.87 -0.36
N ALA D 110 -24.96 -24.72 -1.31
CA ALA D 110 -25.54 -24.64 -2.66
C ALA D 110 -26.90 -25.35 -2.68
N ALA D 111 -27.94 -24.68 -3.20
CA ALA D 111 -29.26 -25.30 -3.35
C ALA D 111 -29.19 -26.18 -4.62
N ALA D 112 -29.52 -27.47 -4.47
CA ALA D 112 -29.53 -28.58 -5.46
C ALA D 112 -29.17 -29.88 -4.75
N HIS D 113 -28.74 -29.77 -3.47
CA HIS D 113 -28.28 -30.90 -2.66
C HIS D 113 -29.08 -31.09 -1.38
N HIS D 114 -29.21 -32.36 -0.93
CA HIS D 114 -29.92 -32.76 0.28
C HIS D 114 -28.93 -33.23 1.38
N HIS D 115 -29.03 -32.72 2.63
CA HIS D 115 -30.01 -31.74 3.10
C HIS D 115 -29.35 -30.41 3.43
N MET E 1 14.76 36.99 -6.25
CA MET E 1 14.12 36.53 -5.03
C MET E 1 14.25 35.02 -4.93
N LYS E 2 14.08 34.47 -3.72
CA LYS E 2 14.12 33.03 -3.54
C LYS E 2 13.02 32.58 -2.61
N MET E 3 12.58 31.33 -2.76
CA MET E 3 11.66 30.73 -1.83
C MET E 3 12.46 29.77 -0.98
N VAL E 4 12.49 30.01 0.32
CA VAL E 4 13.18 29.16 1.28
C VAL E 4 12.11 28.17 1.76
N VAL E 5 12.29 26.88 1.49
CA VAL E 5 11.36 25.81 1.83
C VAL E 5 11.98 24.95 2.92
N ALA E 6 11.41 24.99 4.12
CA ALA E 6 11.95 24.17 5.19
C ALA E 6 10.97 23.09 5.54
N VAL E 7 11.47 21.88 5.72
CA VAL E 7 10.61 20.78 6.15
C VAL E 7 11.16 20.40 7.52
N ILE E 8 10.37 20.66 8.58
CA ILE E 8 10.81 20.53 9.97
C ILE E 8 9.93 19.61 10.81
N ARG E 9 10.36 19.32 12.05
CA ARG E 9 9.57 18.57 13.01
C ARG E 9 8.39 19.49 13.40
N PRO E 10 7.16 18.96 13.51
CA PRO E 10 6.01 19.84 13.84
C PRO E 10 6.15 20.67 15.11
N GLU E 11 6.79 20.11 16.16
CA GLU E 11 6.97 20.80 17.45
C GLU E 11 7.95 22.00 17.36
N LYS E 12 8.70 22.13 16.24
CA LYS E 12 9.64 23.22 16.04
C LYS E 12 9.04 24.45 15.39
N LEU E 13 7.78 24.36 14.94
CA LEU E 13 7.10 25.47 14.26
C LEU E 13 7.14 26.76 15.06
N GLU E 14 6.78 26.70 16.37
CA GLU E 14 6.82 27.90 17.21
C GLU E 14 8.19 28.54 17.30
N CYS E 15 9.26 27.73 17.42
CA CYS E 15 10.66 28.21 17.47
C CYS E 15 11.00 28.91 16.18
N VAL E 16 10.67 28.24 15.05
CA VAL E 16 10.99 28.78 13.72
C VAL E 16 10.26 30.10 13.48
N LYS E 17 8.97 30.14 13.79
CA LYS E 17 8.17 31.36 13.65
C LYS E 17 8.78 32.52 14.43
N LYS E 18 9.15 32.27 15.71
CA LYS E 18 9.76 33.26 16.58
C LYS E 18 11.09 33.76 16.04
N ALA E 19 11.99 32.83 15.61
CA ALA E 19 13.30 33.16 15.06
C ALA E 19 13.19 34.01 13.79
N LEU E 20 12.15 33.74 12.97
CA LEU E 20 11.96 34.52 11.73
C LEU E 20 11.40 35.90 12.03
N GLU E 21 10.36 35.99 12.90
CA GLU E 21 9.72 37.25 13.34
C GLU E 21 10.74 38.22 13.95
N GLU E 22 11.63 37.71 14.84
CA GLU E 22 12.69 38.51 15.51
C GLU E 22 13.61 39.23 14.51
N ARG E 23 13.82 38.61 13.33
CA ARG E 23 14.71 39.15 12.30
C ARG E 23 13.98 39.99 11.23
N GLY E 24 12.69 40.20 11.43
CA GLY E 24 11.87 40.99 10.51
C GLY E 24 11.18 40.21 9.40
N PHE E 25 11.24 38.86 9.45
CA PHE E 25 10.59 37.99 8.46
C PHE E 25 9.27 37.50 9.03
N VAL E 26 8.23 38.32 8.87
CA VAL E 26 6.88 38.07 9.38
C VAL E 26 6.01 37.19 8.45
N GLY E 27 6.19 37.33 7.15
CA GLY E 27 5.43 36.56 6.16
C GLY E 27 5.91 35.15 5.96
N MET E 28 4.99 34.17 5.99
CA MET E 28 5.31 32.75 5.76
C MET E 28 4.06 31.95 5.44
N THR E 29 4.23 30.84 4.68
CA THR E 29 3.12 29.93 4.34
C THR E 29 3.50 28.57 4.91
N VAL E 30 2.56 27.97 5.65
CA VAL E 30 2.78 26.72 6.38
C VAL E 30 1.84 25.62 5.88
N THR E 31 2.39 24.44 5.62
CA THR E 31 1.63 23.29 5.13
C THR E 31 1.94 22.09 6.01
N GLU E 32 0.91 21.30 6.33
CA GLU E 32 1.06 20.05 7.10
C GLU E 32 1.33 18.96 6.07
N VAL E 33 2.45 18.28 6.21
CA VAL E 33 2.92 17.28 5.25
C VAL E 33 3.34 16.00 5.99
N LYS E 34 3.80 15.01 5.24
CA LYS E 34 4.37 13.78 5.76
C LYS E 34 5.67 13.55 5.04
N GLY E 35 6.55 12.76 5.63
CA GLY E 35 7.78 12.44 4.94
C GLY E 35 8.55 11.28 5.50
N ARG E 36 9.59 10.88 4.76
CA ARG E 36 10.56 9.86 5.16
C ARG E 36 11.96 10.22 4.66
N GLY E 37 12.95 9.57 5.25
CA GLY E 37 14.35 9.75 4.92
C GLY E 37 15.18 8.80 5.77
N GLU E 38 16.29 9.31 6.33
CA GLU E 38 17.21 8.56 7.21
C GLU E 38 16.53 8.12 8.53
N GLN E 39 15.63 8.97 9.06
CA GLN E 39 14.90 8.76 10.31
C GLN E 39 14.09 7.46 10.34
N LYS E 40 14.19 6.76 11.47
CA LYS E 40 13.40 5.58 11.82
C LYS E 40 12.12 6.21 12.41
N GLY E 41 10.93 5.78 12.00
CA GLY E 41 10.58 4.60 11.22
C GLY E 41 9.48 3.99 12.04
N ILE E 42 9.25 4.64 13.20
CA ILE E 42 8.31 4.43 14.28
C ILE E 42 8.36 3.05 14.98
N ARG E 43 7.39 2.14 14.69
CA ARG E 43 7.24 0.79 15.27
C ARG E 43 6.99 0.84 16.78
N GLU E 50 -0.31 -3.49 18.18
CA GLU E 50 0.48 -3.73 16.97
C GLU E 50 0.49 -2.46 16.11
N VAL E 51 1.68 -1.85 15.92
CA VAL E 51 1.85 -0.56 15.21
C VAL E 51 3.03 -0.56 14.18
N GLU E 52 2.87 0.19 13.05
CA GLU E 52 3.85 0.36 11.97
C GLU E 52 3.43 1.45 10.95
N VAL E 53 4.33 2.44 10.70
CA VAL E 53 4.16 3.55 9.74
C VAL E 53 5.49 4.09 9.17
N ASP E 54 5.57 4.22 7.84
CA ASP E 54 6.71 4.66 7.04
C ASP E 54 6.88 6.19 7.01
N LEU E 55 5.78 6.91 6.75
CA LEU E 55 5.71 8.37 6.60
C LEU E 55 5.32 9.06 7.91
N LEU E 56 6.20 9.94 8.42
CA LEU E 56 6.03 10.68 9.68
C LEU E 56 5.49 12.08 9.40
N GLN E 57 4.74 12.66 10.36
CA GLN E 57 4.22 14.01 10.24
C GLN E 57 5.36 15.02 10.28
N LYS E 58 5.32 15.99 9.36
CA LYS E 58 6.31 17.06 9.28
C LYS E 58 5.56 18.35 8.98
N THR E 59 6.26 19.47 9.08
CA THR E 59 5.66 20.77 8.78
C THR E 59 6.53 21.46 7.76
N LYS E 60 5.89 21.98 6.71
CA LYS E 60 6.62 22.71 5.68
C LYS E 60 6.41 24.19 5.91
N VAL E 61 7.51 24.94 5.96
CA VAL E 61 7.50 26.40 6.14
C VAL E 61 8.11 27.01 4.89
N GLU E 62 7.35 27.87 4.18
CA GLU E 62 7.84 28.53 2.97
C GLU E 62 7.92 30.03 3.19
N VAL E 63 9.08 30.60 2.91
CA VAL E 63 9.30 32.03 3.06
C VAL E 63 10.03 32.63 1.86
N VAL E 64 9.35 33.53 1.15
CA VAL E 64 9.90 34.16 -0.04
C VAL E 64 10.58 35.46 0.36
N VAL E 65 11.89 35.57 0.04
CA VAL E 65 12.73 36.70 0.43
C VAL E 65 13.61 37.18 -0.74
N SER E 66 14.26 38.35 -0.57
CA SER E 66 15.24 38.89 -1.52
C SER E 66 16.49 37.99 -1.44
N ASP E 67 17.25 37.89 -2.54
CA ASP E 67 18.47 37.06 -2.61
C ASP E 67 19.44 37.25 -1.45
N ASP E 68 19.65 38.51 -1.03
CA ASP E 68 20.60 38.85 0.04
C ASP E 68 20.15 38.46 1.45
N ALA E 69 18.87 38.09 1.63
CA ALA E 69 18.33 37.71 2.95
C ALA E 69 18.33 36.20 3.19
N VAL E 70 18.56 35.40 2.12
CA VAL E 70 18.54 33.92 2.15
C VAL E 70 19.41 33.31 3.26
N ASP E 71 20.70 33.66 3.31
CA ASP E 71 21.63 33.12 4.31
C ASP E 71 21.16 33.39 5.73
N GLU E 72 20.60 34.58 5.98
CA GLU E 72 20.07 34.95 7.30
C GLU E 72 18.83 34.09 7.64
N VAL E 73 17.89 33.91 6.66
CA VAL E 73 16.67 33.10 6.84
C VAL E 73 17.06 31.64 7.09
N VAL E 74 17.94 31.07 6.24
CA VAL E 74 18.44 29.69 6.38
C VAL E 74 19.04 29.46 7.78
N GLU E 75 19.95 30.36 8.22
CA GLU E 75 20.61 30.28 9.51
C GLU E 75 19.62 30.37 10.68
N ALA E 76 18.60 31.24 10.56
CA ALA E 76 17.56 31.38 11.58
C ALA E 76 16.77 30.08 11.74
N ILE E 77 16.45 29.40 10.61
CA ILE E 77 15.69 28.14 10.63
C ILE E 77 16.56 27.01 11.15
N VAL E 78 17.81 26.91 10.68
CA VAL E 78 18.72 25.86 11.15
C VAL E 78 18.83 25.93 12.68
N SER E 79 19.12 27.12 13.22
CA SER E 79 19.31 27.33 14.66
C SER E 79 18.08 26.97 15.50
N SER E 80 16.87 27.32 14.98
CA SER E 80 15.62 27.09 15.71
C SER E 80 14.99 25.74 15.49
N ALA E 81 15.33 25.02 14.40
CA ALA E 81 14.72 23.71 14.11
C ALA E 81 15.59 22.51 14.47
N ARG E 82 16.90 22.73 14.65
CA ARG E 82 17.83 21.63 14.94
C ARG E 82 17.72 21.00 16.33
N THR E 83 17.95 19.68 16.40
CA THR E 83 18.04 18.89 17.63
C THR E 83 19.38 18.11 17.59
N GLY E 84 19.85 17.81 16.37
CA GLY E 84 21.06 17.02 16.16
C GLY E 84 20.75 15.56 15.89
N LYS E 85 19.45 15.18 15.98
CA LYS E 85 18.98 13.82 15.75
C LYS E 85 18.44 13.66 14.31
N PHE E 86 18.42 12.40 13.79
CA PHE E 86 17.88 12.07 12.46
C PHE E 86 16.39 12.42 12.44
N GLY E 87 15.99 13.19 11.43
CA GLY E 87 14.61 13.63 11.25
C GLY E 87 14.40 15.12 11.38
N ASP E 88 15.48 15.89 11.63
CA ASP E 88 15.41 17.36 11.77
C ASP E 88 14.85 18.04 10.53
N GLY E 89 15.13 17.47 9.37
CA GLY E 89 14.59 17.98 8.11
C GLY E 89 15.61 18.66 7.21
N ARG E 90 15.08 19.33 6.20
CA ARG E 90 15.83 19.96 5.15
C ARG E 90 15.34 21.35 4.82
N ILE E 91 16.23 22.14 4.24
CA ILE E 91 15.90 23.47 3.71
C ILE E 91 16.31 23.45 2.23
N PHE E 92 15.36 23.77 1.35
CA PHE E 92 15.58 23.84 -0.09
C PHE E 92 15.35 25.28 -0.54
N VAL E 93 16.30 25.83 -1.29
CA VAL E 93 16.21 27.21 -1.78
C VAL E 93 15.88 27.16 -3.27
N ILE E 94 14.70 27.69 -3.63
CA ILE E 94 14.18 27.65 -4.99
C ILE E 94 14.10 29.06 -5.58
N PRO E 95 14.50 29.28 -6.85
CA PRO E 95 14.41 30.64 -7.41
C PRO E 95 12.97 31.10 -7.61
N VAL E 96 12.72 32.39 -7.39
CA VAL E 96 11.41 33.03 -7.60
C VAL E 96 11.68 34.18 -8.57
N GLU E 97 11.10 34.13 -9.75
CA GLU E 97 11.33 35.17 -10.76
C GLU E 97 10.45 36.39 -10.63
N LYS E 98 9.22 36.22 -10.08
CA LYS E 98 8.24 37.28 -9.87
C LYS E 98 7.51 37.04 -8.58
N SER E 99 7.26 38.11 -7.81
CA SER E 99 6.56 38.06 -6.54
C SER E 99 5.52 39.16 -6.57
N VAL E 100 4.23 38.81 -6.47
CA VAL E 100 3.12 39.79 -6.54
C VAL E 100 2.39 39.89 -5.22
N LYS E 101 2.08 41.12 -4.77
CA LYS E 101 1.24 41.36 -3.60
C LYS E 101 -0.16 41.59 -4.17
N ILE E 102 -1.07 40.61 -3.98
CA ILE E 102 -2.43 40.65 -4.53
C ILE E 102 -3.21 41.94 -4.23
N ARG E 103 -3.19 42.43 -2.97
CA ARG E 103 -3.94 43.63 -2.60
C ARG E 103 -3.59 44.92 -3.35
N THR E 104 -2.32 45.10 -3.69
CA THR E 104 -1.82 46.30 -4.38
C THR E 104 -1.54 46.09 -5.85
N GLY E 105 -1.27 44.87 -6.26
CA GLY E 105 -0.93 44.58 -7.62
C GLY E 105 0.53 44.87 -7.88
N ASP E 106 1.28 45.07 -6.83
CA ASP E 106 2.71 45.30 -6.92
C ASP E 106 3.46 44.05 -7.22
N GLU E 107 4.31 44.10 -8.21
CA GLU E 107 5.10 42.96 -8.60
C GLU E 107 6.60 43.25 -8.50
N GLU E 108 7.36 42.34 -7.88
CA GLU E 108 8.81 42.45 -7.82
C GLU E 108 9.34 41.50 -8.88
N VAL E 109 10.28 41.97 -9.73
CA VAL E 109 10.89 41.17 -10.78
C VAL E 109 12.39 41.07 -10.57
N ALA E 110 12.87 39.83 -10.51
CA ALA E 110 14.28 39.52 -10.29
C ALA E 110 15.11 39.94 -11.50
N ALA E 111 16.35 40.38 -11.25
CA ALA E 111 17.30 40.72 -12.31
C ALA E 111 17.69 39.38 -12.99
N ALA E 112 17.61 39.20 -14.34
CA ALA E 112 17.31 40.10 -15.47
C ALA E 112 16.48 41.35 -15.19
N MET F 1 21.04 20.86 -7.99
CA MET F 1 20.01 19.95 -7.52
C MET F 1 18.67 20.35 -8.15
N LYS F 2 17.72 19.42 -8.15
CA LYS F 2 16.37 19.71 -8.66
C LYS F 2 15.34 19.12 -7.74
N MET F 3 14.15 19.73 -7.70
CA MET F 3 13.03 19.17 -6.97
C MET F 3 12.10 18.54 -8.00
N VAL F 4 11.89 17.24 -7.89
CA VAL F 4 10.96 16.51 -8.75
C VAL F 4 9.62 16.50 -8.01
N VAL F 5 8.61 17.16 -8.59
CA VAL F 5 7.27 17.32 -7.98
C VAL F 5 6.29 16.47 -8.78
N ALA F 6 5.81 15.38 -8.19
CA ALA F 6 4.84 14.52 -8.88
C ALA F 6 3.48 14.68 -8.25
N VAL F 7 2.44 14.85 -9.07
CA VAL F 7 1.05 14.94 -8.60
C VAL F 7 0.38 13.69 -9.17
N ILE F 8 0.04 12.74 -8.29
CA ILE F 8 -0.45 11.41 -8.68
C ILE F 8 -1.82 11.09 -8.10
N ARG F 9 -2.40 9.93 -8.50
CA ARG F 9 -3.64 9.40 -7.94
C ARG F 9 -3.29 8.92 -6.52
N PRO F 10 -4.16 9.15 -5.50
CA PRO F 10 -3.80 8.75 -4.13
C PRO F 10 -3.43 7.29 -3.94
N GLU F 11 -4.09 6.37 -4.67
CA GLU F 11 -3.83 4.92 -4.60
C GLU F 11 -2.45 4.51 -5.12
N LYS F 12 -1.77 5.40 -5.87
CA LYS F 12 -0.45 5.14 -6.43
C LYS F 12 0.71 5.49 -5.52
N LEU F 13 0.43 6.11 -4.35
CA LEU F 13 1.45 6.50 -3.38
C LEU F 13 2.36 5.34 -2.97
N GLU F 14 1.78 4.18 -2.59
CA GLU F 14 2.55 2.98 -2.20
C GLU F 14 3.46 2.46 -3.31
N CYS F 15 3.01 2.53 -4.58
CA CYS F 15 3.80 2.12 -5.75
C CYS F 15 4.98 3.05 -5.95
N VAL F 16 4.71 4.38 -6.00
CA VAL F 16 5.73 5.42 -6.19
C VAL F 16 6.75 5.37 -5.05
N LYS F 17 6.27 5.16 -3.80
CA LYS F 17 7.08 5.05 -2.59
C LYS F 17 8.15 3.97 -2.75
N LYS F 18 7.73 2.75 -3.12
CA LYS F 18 8.58 1.57 -3.33
C LYS F 18 9.54 1.74 -4.51
N ALA F 19 9.04 2.18 -5.69
CA ALA F 19 9.85 2.39 -6.89
C ALA F 19 11.03 3.34 -6.61
N LEU F 20 10.80 4.38 -5.79
CA LEU F 20 11.84 5.34 -5.41
C LEU F 20 12.80 4.71 -4.39
N GLU F 21 12.24 3.98 -3.40
CA GLU F 21 12.94 3.27 -2.32
C GLU F 21 13.91 2.22 -2.89
N GLU F 22 13.38 1.35 -3.81
CA GLU F 22 14.07 0.30 -4.54
C GLU F 22 15.30 0.84 -5.28
N ARG F 23 15.25 2.11 -5.72
CA ARG F 23 16.31 2.78 -6.47
C ARG F 23 17.24 3.70 -5.66
N GLY F 24 17.13 3.64 -4.33
CA GLY F 24 17.95 4.41 -3.41
C GLY F 24 17.48 5.83 -3.11
N PHE F 25 16.30 6.20 -3.64
CA PHE F 25 15.71 7.53 -3.39
C PHE F 25 14.75 7.38 -2.20
N VAL F 26 15.34 7.40 -0.99
CA VAL F 26 14.60 7.19 0.25
C VAL F 26 13.88 8.43 0.79
N GLY F 27 14.49 9.60 0.61
CA GLY F 27 13.92 10.85 1.09
C GLY F 27 12.83 11.40 0.19
N MET F 28 11.70 11.78 0.78
CA MET F 28 10.56 12.38 0.06
C MET F 28 9.63 13.12 1.00
N THR F 29 8.91 14.12 0.48
CA THR F 29 7.89 14.90 1.22
C THR F 29 6.58 14.68 0.48
N VAL F 30 5.54 14.30 1.24
CA VAL F 30 4.22 13.97 0.70
C VAL F 30 3.15 14.92 1.23
N THR F 31 2.31 15.46 0.34
CA THR F 31 1.22 16.39 0.68
C THR F 31 -0.08 15.89 0.05
N GLU F 32 -1.19 16.00 0.80
CA GLU F 32 -2.53 15.69 0.29
C GLU F 32 -3.03 16.98 -0.37
N VAL F 33 -3.41 16.89 -1.63
CA VAL F 33 -3.86 18.04 -2.42
C VAL F 33 -5.16 17.67 -3.18
N LYS F 34 -5.68 18.62 -3.93
CA LYS F 34 -6.81 18.46 -4.82
C LYS F 34 -6.42 19.05 -6.15
N GLY F 35 -7.02 18.57 -7.22
CA GLY F 35 -6.68 19.10 -8.53
C GLY F 35 -7.75 18.91 -9.56
N ARG F 36 -7.58 19.58 -10.69
CA ARG F 36 -8.45 19.41 -11.87
C ARG F 36 -7.60 19.58 -13.13
N GLY F 37 -8.11 19.10 -14.25
CA GLY F 37 -7.47 19.15 -15.55
C GLY F 37 -8.36 18.54 -16.61
N GLU F 38 -7.77 17.74 -17.52
CA GLU F 38 -8.53 17.06 -18.56
C GLU F 38 -9.43 15.89 -18.07
N GLN F 39 -9.10 15.30 -16.89
CA GLN F 39 -9.88 14.22 -16.26
C GLN F 39 -11.31 14.68 -15.92
N LYS F 40 -12.32 13.82 -16.15
CA LYS F 40 -13.72 14.14 -15.85
C LYS F 40 -13.99 14.04 -14.34
N GLY F 41 -14.71 15.01 -13.80
CA GLY F 41 -15.08 15.08 -12.39
C GLY F 41 -16.04 14.00 -11.96
N ILE F 42 -15.93 13.56 -10.69
CA ILE F 42 -16.79 12.52 -10.13
C ILE F 42 -18.22 13.05 -9.92
N ARG F 43 -19.20 12.44 -10.62
CA ARG F 43 -20.60 12.84 -10.54
C ARG F 43 -21.35 11.84 -9.65
N LEU F 44 -21.43 12.15 -8.35
CA LEU F 44 -22.12 11.30 -7.35
C LEU F 44 -23.63 11.55 -7.37
N GLN F 45 -24.41 10.61 -6.82
CA GLN F 45 -25.86 10.73 -6.73
C GLN F 45 -26.33 10.41 -5.31
N PHE F 46 -26.69 11.47 -4.56
CA PHE F 46 -27.20 11.37 -3.19
C PHE F 46 -28.67 11.74 -3.19
N ARG F 47 -29.50 10.89 -2.57
CA ARG F 47 -30.97 10.95 -2.43
C ARG F 47 -31.77 10.31 -3.60
N GLY F 48 -32.12 10.99 -4.70
CA GLY F 48 -31.90 12.40 -5.03
C GLY F 48 -31.34 12.60 -6.43
N ARG F 49 -30.38 13.54 -6.55
CA ARG F 49 -29.66 13.91 -7.79
C ARG F 49 -28.41 14.75 -7.45
N GLU F 50 -28.06 15.74 -8.32
CA GLU F 50 -26.96 16.71 -8.20
C GLU F 50 -25.58 16.10 -7.84
N VAL F 51 -24.90 16.66 -6.80
CA VAL F 51 -23.58 16.27 -6.27
C VAL F 51 -22.47 16.31 -7.34
N GLU F 52 -21.91 17.51 -7.57
CA GLU F 52 -20.85 17.73 -8.57
C GLU F 52 -19.53 18.13 -7.92
N VAL F 53 -18.52 17.23 -7.99
CA VAL F 53 -17.18 17.46 -7.44
C VAL F 53 -16.24 17.83 -8.60
N ASP F 54 -15.71 19.07 -8.56
CA ASP F 54 -14.82 19.60 -9.59
C ASP F 54 -13.34 19.37 -9.29
N LEU F 55 -12.94 19.41 -8.01
CA LEU F 55 -11.56 19.19 -7.59
C LEU F 55 -11.45 17.81 -7.00
N LEU F 56 -10.67 16.95 -7.66
CA LEU F 56 -10.47 15.56 -7.25
C LEU F 56 -9.28 15.43 -6.31
N GLN F 57 -9.31 14.45 -5.40
CA GLN F 57 -8.22 14.20 -4.46
C GLN F 57 -7.01 13.68 -5.21
N LYS F 58 -5.82 14.24 -4.90
CA LYS F 58 -4.56 13.83 -5.50
C LYS F 58 -3.50 13.82 -4.41
N THR F 59 -2.30 13.33 -4.73
CA THR F 59 -1.17 13.27 -3.82
C THR F 59 0.05 13.87 -4.47
N LYS F 60 0.67 14.79 -3.73
CA LYS F 60 1.87 15.40 -4.21
C LYS F 60 3.07 14.73 -3.55
N VAL F 61 4.05 14.28 -4.36
CA VAL F 61 5.28 13.66 -3.90
C VAL F 61 6.42 14.55 -4.38
N GLU F 62 7.22 15.06 -3.44
CA GLU F 62 8.36 15.91 -3.75
C GLU F 62 9.65 15.22 -3.38
N VAL F 63 10.57 15.15 -4.32
CA VAL F 63 11.87 14.52 -4.11
C VAL F 63 13.00 15.33 -4.67
N VAL F 64 13.86 15.85 -3.78
CA VAL F 64 15.00 16.69 -4.15
C VAL F 64 16.20 15.77 -4.40
N VAL F 65 16.76 15.83 -5.63
CA VAL F 65 17.88 14.99 -6.07
C VAL F 65 18.95 15.79 -6.80
N SER F 66 20.12 15.15 -7.06
CA SER F 66 21.21 15.74 -7.83
C SER F 66 20.72 15.82 -9.29
N ASP F 67 21.23 16.79 -10.06
CA ASP F 67 20.87 16.99 -11.48
C ASP F 67 20.88 15.72 -12.33
N ASP F 68 21.89 14.87 -12.15
CA ASP F 68 22.08 13.66 -12.95
C ASP F 68 21.15 12.51 -12.58
N ALA F 69 20.41 12.62 -11.47
CA ALA F 69 19.48 11.58 -11.01
C ALA F 69 18.03 11.83 -11.46
N VAL F 70 17.74 13.04 -11.98
CA VAL F 70 16.40 13.46 -12.42
C VAL F 70 15.71 12.47 -13.36
N ASP F 71 16.37 12.09 -14.46
CA ASP F 71 15.80 11.17 -15.46
C ASP F 71 15.42 9.82 -14.84
N GLU F 72 16.26 9.31 -13.90
CA GLU F 72 16.00 8.05 -13.20
C GLU F 72 14.77 8.17 -12.29
N VAL F 73 14.68 9.29 -11.53
CA VAL F 73 13.55 9.56 -10.61
C VAL F 73 12.27 9.71 -11.42
N VAL F 74 12.28 10.53 -12.48
CA VAL F 74 11.13 10.77 -13.35
C VAL F 74 10.60 9.44 -13.92
N GLU F 75 11.52 8.61 -14.48
CA GLU F 75 11.16 7.29 -15.06
C GLU F 75 10.57 6.35 -14.03
N ALA F 76 11.13 6.33 -12.80
CA ALA F 76 10.63 5.50 -11.70
C ALA F 76 9.20 5.91 -11.32
N ILE F 77 8.92 7.24 -11.28
CA ILE F 77 7.59 7.78 -10.94
C ILE F 77 6.61 7.45 -12.07
N VAL F 78 6.96 7.72 -13.34
CA VAL F 78 6.10 7.46 -14.51
C VAL F 78 5.66 5.98 -14.52
N SER F 79 6.64 5.05 -14.40
CA SER F 79 6.38 3.59 -14.40
C SER F 79 5.45 3.12 -13.29
N SER F 80 5.61 3.63 -12.08
CA SER F 80 4.82 3.20 -10.93
C SER F 80 3.46 3.90 -10.79
N ALA F 81 3.32 5.13 -11.31
CA ALA F 81 2.09 5.89 -11.17
C ALA F 81 1.11 5.78 -12.34
N ARG F 82 1.59 5.34 -13.52
CA ARG F 82 0.72 5.26 -14.71
C ARG F 82 -0.32 4.14 -14.74
N THR F 83 -1.51 4.48 -15.29
CA THR F 83 -2.64 3.56 -15.51
C THR F 83 -2.97 3.55 -17.00
N GLY F 84 -2.66 4.66 -17.67
CA GLY F 84 -2.95 4.88 -19.08
C GLY F 84 -4.23 5.68 -19.29
N LYS F 85 -4.92 6.00 -18.18
CA LYS F 85 -6.18 6.75 -18.18
C LYS F 85 -5.95 8.21 -17.81
N PHE F 86 -6.88 9.08 -18.21
CA PHE F 86 -6.86 10.51 -17.91
C PHE F 86 -6.91 10.69 -16.38
N GLY F 87 -6.02 11.52 -15.85
CA GLY F 87 -5.94 11.79 -14.43
C GLY F 87 -4.74 11.19 -13.72
N ASP F 88 -3.83 10.52 -14.47
CA ASP F 88 -2.60 9.93 -13.93
C ASP F 88 -1.69 10.95 -13.25
N GLY F 89 -1.73 12.19 -13.73
CA GLY F 89 -0.97 13.27 -13.13
C GLY F 89 0.20 13.78 -13.92
N ARG F 90 0.97 14.65 -13.26
CA ARG F 90 2.10 15.33 -13.86
C ARG F 90 3.32 15.29 -12.98
N ILE F 91 4.48 15.50 -13.61
CA ILE F 91 5.75 15.64 -12.92
C ILE F 91 6.32 16.98 -13.36
N PHE F 92 6.65 17.84 -12.40
CA PHE F 92 7.28 19.15 -12.67
C PHE F 92 8.66 19.15 -12.05
N VAL F 93 9.67 19.54 -12.84
CA VAL F 93 11.06 19.58 -12.38
C VAL F 93 11.42 21.02 -12.14
N ILE F 94 11.75 21.36 -10.88
CA ILE F 94 12.05 22.72 -10.47
C ILE F 94 13.51 22.83 -10.00
N PRO F 95 14.25 23.91 -10.37
CA PRO F 95 15.64 24.02 -9.87
C PRO F 95 15.71 24.30 -8.36
N VAL F 96 16.71 23.71 -7.71
CA VAL F 96 16.99 23.90 -6.28
C VAL F 96 18.42 24.44 -6.22
N GLU F 97 18.58 25.67 -5.74
CA GLU F 97 19.91 26.27 -5.72
C GLU F 97 20.75 25.88 -4.50
N LYS F 98 20.11 25.65 -3.37
CA LYS F 98 20.79 25.28 -2.10
C LYS F 98 19.95 24.26 -1.38
N SER F 99 20.61 23.32 -0.76
CA SER F 99 20.00 22.24 0.01
C SER F 99 20.81 22.15 1.29
N VAL F 100 20.11 22.24 2.41
CA VAL F 100 20.72 22.24 3.75
C VAL F 100 20.17 21.08 4.55
N LYS F 101 21.05 20.34 5.26
CA LYS F 101 20.62 19.28 6.17
C LYS F 101 20.59 19.96 7.56
N ILE F 102 19.39 20.18 8.10
CA ILE F 102 19.21 20.89 9.38
C ILE F 102 20.07 20.35 10.54
N ARG F 103 20.11 19.02 10.75
CA ARG F 103 20.86 18.46 11.87
C ARG F 103 22.36 18.74 11.91
N THR F 104 23.00 18.83 10.72
CA THR F 104 24.45 19.04 10.62
C THR F 104 24.79 20.47 10.18
N GLY F 105 23.89 21.10 9.49
CA GLY F 105 24.15 22.38 8.89
C GLY F 105 24.89 22.30 7.57
N ASP F 106 25.04 21.10 7.06
CA ASP F 106 25.70 20.86 5.79
C ASP F 106 24.90 21.44 4.63
N GLU F 107 25.49 22.37 3.90
CA GLU F 107 24.82 23.00 2.78
C GLU F 107 25.46 22.65 1.42
N GLU F 108 24.67 22.18 0.46
CA GLU F 108 25.15 21.90 -0.89
C GLU F 108 24.64 23.00 -1.78
N VAL F 109 25.51 23.47 -2.67
CA VAL F 109 25.23 24.57 -3.58
C VAL F 109 25.38 24.15 -5.03
N ALA F 110 24.42 24.58 -5.87
CA ALA F 110 24.37 24.28 -7.30
C ALA F 110 25.25 25.22 -8.14
N ALA F 111 25.66 24.73 -9.31
CA ALA F 111 26.45 25.42 -10.34
C ALA F 111 26.36 24.61 -11.63
N ALA F 112 26.38 25.32 -12.78
CA ALA F 112 26.31 24.73 -14.11
C ALA F 112 27.45 25.25 -14.99
PB ADP G . 0.86 -38.41 12.38
O1B ADP G . -0.52 -39.07 12.61
O2B ADP G . 1.95 -39.43 12.40
O3B ADP G . 0.76 -37.74 11.02
PA ADP G . 0.22 -36.22 13.97
O1A ADP G . -1.16 -36.75 14.32
O2A ADP G . 0.94 -35.56 15.13
O3A ADP G . 1.11 -37.39 13.49
O5' ADP G . -0.02 -35.15 12.77
C5' ADP G . 1.14 -34.61 12.21
C4' ADP G . 0.72 -33.25 11.63
O4' ADP G . -0.32 -33.42 10.64
C3' ADP G . 0.12 -32.34 12.70
O3' ADP G . 1.10 -31.59 13.44
C2' ADP G . -0.85 -31.43 11.88
O2' ADP G . -0.07 -30.40 11.29
C1' ADP G . -1.34 -32.37 10.79
N9 ADP G . -2.65 -33.04 11.04
C8 ADP G . -2.91 -34.24 11.65
N7 ADP G . -4.21 -34.55 11.62
C5 ADP G . -4.80 -33.49 10.94
C6 ADP G . -6.15 -33.20 10.59
N6 ADP G . -7.18 -34.11 10.87
N1 ADP G . -6.41 -32.02 9.92
C2 ADP G . -5.43 -31.15 9.65
N3 ADP G . -4.09 -31.38 9.95
C4 ADP G . -3.87 -32.53 10.59
PB ADP H . -0.88 40.68 2.26
O1B ADP H . -1.92 41.64 1.79
O2B ADP H . -0.77 39.56 1.23
O3B ADP H . 0.45 41.38 2.16
PA ADP H . -0.26 39.08 4.43
O1A ADP H . 1.14 39.76 4.59
O2A ADP H . -0.97 38.71 5.71
O3A ADP H . -1.17 40.06 3.65
O5' ADP H . 0.03 37.73 3.53
C5' ADP H . -1.10 36.88 3.32
C4' ADP H . -0.65 35.45 3.07
O4' ADP H . 0.45 35.45 2.10
C3' ADP H . -0.05 34.88 4.36
O3' ADP H . -1.00 34.37 5.29
C2' ADP H . 0.93 33.81 3.81
O2' ADP H . 0.26 32.57 3.57
C1' ADP H . 1.44 34.49 2.55
N9 ADP H . 2.73 35.24 2.60
C8 ADP H . 2.92 36.61 2.86
N7 ADP H . 4.20 36.95 2.76
C5 ADP H . 4.85 35.79 2.42
C6 ADP H . 6.24 35.46 2.16
N6 ADP H . 7.23 36.43 2.18
N1 ADP H . 6.57 34.17 1.84
C2 ADP H . 5.59 33.23 1.83
N3 ADP H . 4.25 33.45 2.02
C4 ADP H . 3.95 34.71 2.32
PB ADP I . -17.30 -11.06 9.76
O1B ADP I . -17.63 -11.92 10.98
O2B ADP I . -18.13 -11.36 8.49
O3B ADP I . -17.71 -9.67 10.24
PA ADP I . -15.17 -10.24 8.33
O1A ADP I . -16.05 -10.07 7.08
O2A ADP I . -14.48 -8.88 8.64
O3A ADP I . -15.84 -10.88 9.54
O5' ADP I . -14.10 -11.41 8.05
C5' ADP I . -13.23 -11.86 9.07
C4' ADP I . -12.07 -12.60 8.36
O4' ADP I . -12.56 -13.70 7.55
C3' ADP I . -11.28 -11.71 7.40
O3' ADP I . -10.29 -10.97 8.08
C2' ADP I . -10.71 -12.67 6.37
O2' ADP I . -9.53 -13.34 6.87
C1' ADP I . -11.84 -13.68 6.26
N9 ADP I . -12.79 -13.51 5.17
C8 ADP I . -13.99 -12.80 5.19
N7 ADP I . -14.64 -12.92 4.03
C5 ADP I . -13.85 -13.71 3.23
C6 ADP I . -13.98 -14.22 1.89
N6 ADP I . -15.06 -13.98 1.07
N1 ADP I . -12.96 -15.01 1.40
C2 ADP I . -11.86 -15.31 2.16
N3 ADP I . -11.67 -14.91 3.45
C4 ADP I . -12.68 -14.11 3.92
PB ADP J . 4.45 -18.76 -13.72
O1B ADP J . 3.34 -18.90 -12.69
O2B ADP J . 4.24 -19.82 -14.76
O3B ADP J . 4.46 -17.38 -14.40
PA ADP J . 6.01 -20.16 -11.94
O1A ADP J . 7.48 -20.02 -11.48
O2A ADP J . 5.82 -21.48 -12.70
O3A ADP J . 5.75 -18.96 -12.90
O5' ADP J . 4.95 -20.10 -10.69
C5' ADP J . 4.85 -18.97 -9.81
C4' ADP J . 4.31 -19.43 -8.42
O4' ADP J . 3.09 -20.19 -8.56
C3' ADP J . 5.29 -20.40 -7.82
O3' ADP J . 6.36 -19.65 -7.23
C2' ADP J . 4.43 -21.23 -6.86
O2' ADP J . 4.19 -20.46 -5.65
C1' ADP J . 3.15 -21.36 -7.70
N9 ADP J . 2.99 -22.56 -8.51
C8 ADP J . 3.35 -22.75 -9.82
N7 ADP J . 3.03 -23.95 -10.25
C5 ADP J . 2.45 -24.58 -9.16
C6 ADP J . 1.88 -25.90 -8.98
N6 ADP J . 1.85 -26.82 -10.02
N1 ADP J . 1.33 -26.25 -7.76
C2 ADP J . 1.34 -25.31 -6.77
N3 ADP J . 1.86 -24.05 -6.81
C4 ADP J . 2.41 -23.74 -8.06
PB ADP K . 17.38 14.27 8.19
O1B ADP K . 18.45 13.90 7.15
O2B ADP K . 18.01 14.58 9.56
O3B ADP K . 16.63 15.46 7.62
PA ADP K . 15.43 12.77 7.17
O1A ADP K . 14.52 11.65 7.67
O2A ADP K . 16.41 12.12 6.14
O3A ADP K . 16.26 13.23 8.33
O5' ADP K . 14.58 14.02 6.55
C5' ADP K . 13.52 14.63 7.30
C4' ADP K . 12.37 15.04 6.36
O4' ADP K . 12.85 15.86 5.29
C3' ADP K . 11.63 13.89 5.72
O3' ADP K . 10.65 13.34 6.57
C2' ADP K . 11.10 14.43 4.42
O2' ADP K . 9.80 15.07 4.63
C1' ADP K . 12.17 15.47 4.07
N9 ADP K . 13.19 15.05 3.13
C8 ADP K . 14.43 14.46 3.39
N7 ADP K . 15.11 14.24 2.27
C5 ADP K . 14.28 14.70 1.25
C6 ADP K . 14.40 14.75 -0.17
N6 ADP K . 15.56 14.29 -0.81
N1 ADP K . 13.38 15.29 -0.92
C2 ADP K . 12.22 15.71 -0.30
N3 ADP K . 12.01 15.71 1.06
C4 ADP K . 13.07 15.20 1.77
PB ADP L . -3.62 14.10 -16.88
O1B ADP L . -2.50 14.46 -15.91
O2B ADP L . -3.33 14.90 -18.13
O3B ADP L . -3.62 12.60 -17.18
PA ADP L . -5.21 15.89 -15.64
O1A ADP L . -6.67 15.91 -15.15
O2A ADP L . -5.00 16.91 -16.74
O3A ADP L . -4.93 14.48 -16.19
O5' ADP L . -4.20 16.26 -14.41
C5' ADP L . -4.07 15.46 -13.24
C4' ADP L . -3.64 16.35 -12.04
O4' ADP L . -2.44 17.10 -12.38
C3' ADP L . -4.70 17.39 -11.75
O3' ADP L . -5.79 16.87 -11.00
C2' ADP L . -3.88 18.55 -11.12
O2' ADP L . -3.63 18.22 -9.77
C1' ADP L . -2.54 18.46 -11.90
N9 ADP L . -2.43 19.32 -13.06
C8 ADP L . -2.82 19.08 -14.37
N7 ADP L . -2.51 20.12 -15.14
C5 ADP L . -1.90 21.07 -14.28
C6 ADP L . -1.34 22.36 -14.47
N6 ADP L . -1.27 22.99 -15.71
N1 ADP L . -0.79 23.00 -13.37
C2 ADP L . -0.83 22.41 -12.14
N3 ADP L . -1.33 21.20 -11.87
C4 ADP L . -1.84 20.57 -12.98
#